data_4LL8
#
_entry.id   4LL8
#
_cell.length_a   272.013
_cell.length_b   38.116
_cell.length_c   183.991
_cell.angle_alpha   90.00
_cell.angle_beta   125.24
_cell.angle_gamma   90.00
#
_symmetry.space_group_name_H-M   'C 1 2 1'
#
loop_
_entity.id
_entity.type
_entity.pdbx_description
1 polymer Myosin-4
2 polymer 'SWI5-dependent HO expression protein 3'
#
loop_
_entity_poly.entity_id
_entity_poly.type
_entity_poly.pdbx_seq_one_letter_code
_entity_poly.pdbx_strand_id
1 'polypeptide(L)'
;RYIVLQKEVEERNIRASYGIGLLEEAIEFKNSFILNLEMLNDSYTRLTQLLQGDLSNIPSKQRQEYETIVNGYNDKISKL
KTLQVEIMNTLNKKNALKERAAAQSSLIQSHMQSLAAIKGNKPSRLSDEVKSMKQELAFIENVIAQDFTTTYSANKPKLV
NVIRRESGNPDLLELLMDLNSYTLEVTEGYLKKVNVTEVNGDNVLGPIHVITTVVSSLVRNGLLIQSSKFISKVLLTVES
IVMSLPKDETMLGGIFWLSNLSRLPAFAANQKTLYEANGGDEKDKLTLIYLNDLENETLKVFDKIYSTWLVKFMKHASAH
IEIFDMVLNEKLFKNSGDEKFAKLFTFLNEFDAVLSKFQVVDSMHTKIFNDTLKYLNVMLFNDLITKSPALNWKYGYEVD
RNIERLVSWFEPRIEDVRPNLIQIIQAVKILQLKISNLNEFKLLFDFWYALNPAQIQAILLKYKPANKGEAGVPNEILNY
LANVIKRENLSLPGKMEIMLSAQFDSAKNHLRYDTSAITQNSNTEGLATVSKIIKLDRK
;
A
2 'polypeptide(L)'
;MEHMESKLLENLNLLKNENENLNSIFERKNKKLKELEKDYSELSNRYNEQKEKMDQLSKLAKNSSAIEQSCSEKLQNMEV
NYNSLLESQNLYRDHYSDEISKLNEKIGLLELELSNQNLNYGSDTSSNSDIELNLNKFNDSVKDLKSLETEKDSKLSKII
THSLDELNLQSWLNLYQTNENLISTFAEKMDLKDVLKRNDEKISNKGAVVQTLKKNVQTQVESNNADALSSNNAQ
;
E,B
#
# COMPACT_ATOMS: atom_id res chain seq x y z
N GLU A 99 20.67 -39.41 -35.47
CA GLU A 99 20.89 -40.05 -34.14
C GLU A 99 22.26 -39.72 -33.58
N ARG A 100 23.23 -39.53 -34.47
CA ARG A 100 24.60 -39.21 -34.07
C ARG A 100 24.66 -38.09 -33.03
N ALA A 101 23.90 -37.02 -33.27
CA ALA A 101 23.87 -35.85 -32.38
C ALA A 101 23.46 -36.16 -30.93
N ALA A 102 23.19 -37.43 -30.64
CA ALA A 102 22.82 -37.84 -29.28
C ALA A 102 24.08 -38.00 -28.44
N ALA A 103 25.20 -37.57 -29.01
CA ALA A 103 26.51 -37.65 -28.36
C ALA A 103 27.09 -36.26 -28.08
N GLN A 104 26.52 -35.24 -28.72
CA GLN A 104 26.97 -33.86 -28.51
C GLN A 104 26.27 -33.32 -27.26
N SER A 105 25.03 -33.78 -27.07
CA SER A 105 24.25 -33.35 -25.93
C SER A 105 24.96 -33.85 -24.67
N SER A 106 25.16 -35.17 -24.61
CA SER A 106 25.81 -35.80 -23.47
C SER A 106 27.21 -35.27 -23.11
N LEU A 107 27.82 -34.54 -24.05
CA LEU A 107 29.15 -33.95 -23.82
C LEU A 107 29.04 -32.58 -23.16
N ILE A 108 28.53 -31.60 -23.91
CA ILE A 108 28.36 -30.23 -23.40
C ILE A 108 27.66 -30.33 -22.04
N GLN A 109 26.95 -31.43 -21.82
CA GLN A 109 26.25 -31.68 -20.58
C GLN A 109 27.18 -32.15 -19.48
N SER A 110 27.96 -33.19 -19.76
CA SER A 110 28.90 -33.72 -18.77
C SER A 110 29.69 -32.58 -18.14
N HIS A 111 29.60 -31.40 -18.73
CA HIS A 111 30.28 -30.21 -18.22
C HIS A 111 29.41 -29.42 -17.24
N MET A 112 28.17 -29.12 -17.65
CA MET A 112 27.23 -28.35 -16.82
C MET A 112 26.83 -29.00 -15.51
N GLN A 113 27.37 -30.18 -15.24
CA GLN A 113 27.05 -30.86 -14.00
C GLN A 113 28.28 -30.94 -13.10
N SER A 114 29.46 -30.94 -13.72
CA SER A 114 30.69 -30.97 -12.94
C SER A 114 30.88 -29.54 -12.42
N LEU A 115 30.56 -28.56 -13.28
CA LEU A 115 30.65 -27.15 -12.93
C LEU A 115 29.43 -26.77 -12.09
N ALA A 116 28.43 -27.65 -12.06
CA ALA A 116 27.22 -27.44 -11.29
C ALA A 116 27.45 -27.96 -9.87
N ALA A 117 27.10 -29.21 -9.62
CA ALA A 117 27.27 -29.80 -8.30
C ALA A 117 28.75 -29.85 -7.92
N ASN A 121 30.24 -18.62 -3.15
CA ASN A 121 30.53 -19.87 -2.44
C ASN A 121 30.15 -19.73 -0.96
N LYS A 122 28.85 -19.78 -0.68
CA LYS A 122 28.32 -19.67 0.68
C LYS A 122 26.94 -20.34 0.75
N PRO A 123 26.46 -20.72 1.96
CA PRO A 123 25.15 -21.36 2.10
C PRO A 123 24.00 -20.43 1.66
N SER A 124 24.10 -19.91 0.44
CA SER A 124 23.12 -19.01 -0.14
C SER A 124 21.71 -19.37 0.27
N ARG A 125 20.87 -18.35 0.43
CA ARG A 125 19.48 -18.56 0.85
C ARG A 125 18.49 -18.95 -0.23
N LEU A 126 17.28 -19.26 0.22
CA LEU A 126 16.20 -19.67 -0.63
C LEU A 126 16.08 -18.89 -1.93
N SER A 127 15.92 -17.58 -1.82
CA SER A 127 15.77 -16.69 -2.98
C SER A 127 16.86 -16.92 -4.03
N ASP A 128 18.06 -17.18 -3.54
CA ASP A 128 19.23 -17.43 -4.36
C ASP A 128 19.09 -18.81 -4.95
N GLU A 129 18.68 -19.79 -4.14
CA GLU A 129 18.53 -21.13 -4.68
C GLU A 129 17.48 -21.23 -5.77
N VAL A 130 16.32 -20.62 -5.58
CA VAL A 130 15.30 -20.73 -6.61
C VAL A 130 15.78 -20.25 -7.98
N LYS A 131 16.47 -19.11 -8.02
CA LYS A 131 17.03 -18.55 -9.26
C LYS A 131 17.94 -19.68 -9.82
N SER A 132 18.89 -20.09 -8.98
CA SER A 132 19.84 -21.17 -9.34
C SER A 132 19.10 -22.24 -10.10
N MET A 133 17.92 -22.59 -9.60
CA MET A 133 17.12 -23.63 -10.21
C MET A 133 16.50 -23.22 -11.52
N LYS A 134 15.73 -22.13 -11.51
CA LYS A 134 15.08 -21.65 -12.73
C LYS A 134 16.09 -21.60 -13.87
N GLN A 135 17.38 -21.50 -13.52
CA GLN A 135 18.44 -21.43 -14.51
C GLN A 135 18.87 -22.81 -15.06
N GLU A 136 19.06 -23.78 -14.17
CA GLU A 136 19.44 -25.13 -14.56
C GLU A 136 18.34 -25.72 -15.41
N LEU A 137 17.11 -25.28 -15.13
CA LEU A 137 15.92 -25.74 -15.84
C LEU A 137 15.78 -25.14 -17.21
N ALA A 138 15.92 -23.83 -17.31
CA ALA A 138 15.83 -23.17 -18.61
C ALA A 138 16.94 -23.78 -19.47
N PHE A 139 18.13 -23.92 -18.87
CA PHE A 139 19.30 -24.50 -19.53
C PHE A 139 18.99 -25.84 -20.17
N ILE A 140 18.70 -26.81 -19.32
CA ILE A 140 18.37 -28.17 -19.70
C ILE A 140 17.37 -28.27 -20.83
N GLU A 141 16.45 -27.31 -20.89
CA GLU A 141 15.43 -27.29 -21.93
C GLU A 141 16.02 -26.91 -23.27
N ASN A 142 16.82 -25.84 -23.25
CA ASN A 142 17.53 -25.31 -24.41
C ASN A 142 18.38 -26.43 -25.02
N VAL A 143 18.80 -27.33 -24.15
CA VAL A 143 19.63 -28.47 -24.51
C VAL A 143 18.82 -29.59 -25.17
N ILE A 144 17.50 -29.49 -25.06
CA ILE A 144 16.67 -30.52 -25.64
C ILE A 144 16.25 -30.15 -27.06
N ALA A 145 16.38 -28.88 -27.43
CA ALA A 145 16.00 -28.47 -28.78
C ALA A 145 17.23 -28.24 -29.69
N GLN A 146 18.22 -29.13 -29.59
CA GLN A 146 19.44 -29.03 -30.38
C GLN A 146 19.39 -29.82 -31.70
N ALA A 154 18.39 -22.43 -39.98
CA ALA A 154 19.31 -21.34 -39.69
C ALA A 154 20.47 -21.25 -40.70
N ASN A 155 20.52 -20.14 -41.46
CA ASN A 155 21.58 -19.85 -42.47
C ASN A 155 21.28 -18.81 -43.59
N LYS A 156 20.10 -18.86 -44.23
CA LYS A 156 19.80 -17.90 -45.31
C LYS A 156 18.31 -17.68 -45.70
N PRO A 157 17.62 -16.70 -45.06
CA PRO A 157 16.22 -16.45 -45.40
C PRO A 157 16.07 -15.56 -46.64
N LYS A 158 14.98 -15.71 -47.41
CA LYS A 158 14.77 -14.86 -48.59
C LYS A 158 13.28 -14.57 -48.93
N LEU A 159 12.97 -13.30 -49.23
CA LEU A 159 11.60 -12.87 -49.57
C LEU A 159 11.16 -13.33 -50.97
N VAL A 160 9.99 -13.95 -51.07
CA VAL A 160 9.54 -14.45 -52.37
C VAL A 160 8.04 -14.35 -52.63
N ASN A 161 7.69 -14.01 -53.88
CA ASN A 161 6.30 -13.90 -54.33
C ASN A 161 5.79 -15.24 -54.82
N VAL A 162 4.46 -15.38 -54.96
CA VAL A 162 3.89 -16.62 -55.46
C VAL A 162 2.85 -16.39 -56.56
N ILE A 163 2.37 -17.47 -57.17
CA ILE A 163 1.39 -17.41 -58.25
C ILE A 163 0.01 -16.91 -57.81
N ARG A 164 -0.70 -16.26 -58.71
CA ARG A 164 -2.04 -15.75 -58.43
C ARG A 164 -3.04 -16.90 -58.60
N ARG A 165 -4.11 -16.65 -59.36
CA ARG A 165 -5.17 -17.61 -59.69
C ARG A 165 -6.50 -17.27 -59.01
N GLU A 166 -6.99 -18.22 -58.19
CA GLU A 166 -8.26 -18.13 -57.45
C GLU A 166 -8.82 -16.73 -57.19
N SER A 167 -10.12 -16.66 -56.88
CA SER A 167 -10.84 -15.40 -56.65
C SER A 167 -9.99 -14.14 -56.85
N GLY A 168 -9.56 -13.96 -58.10
CA GLY A 168 -8.74 -12.84 -58.48
C GLY A 168 -9.19 -12.36 -59.85
N ASN A 169 -10.14 -11.45 -59.86
CA ASN A 169 -10.67 -10.89 -61.09
C ASN A 169 -9.54 -10.19 -61.84
N PRO A 170 -9.77 -9.82 -63.12
CA PRO A 170 -8.76 -9.14 -63.93
C PRO A 170 -8.57 -7.67 -63.55
N ASP A 171 -9.35 -7.21 -62.57
CA ASP A 171 -9.26 -5.83 -62.10
C ASP A 171 -8.68 -5.86 -60.68
N LEU A 172 -9.03 -6.92 -59.95
CA LEU A 172 -8.55 -7.11 -58.59
C LEU A 172 -7.03 -7.15 -58.58
N LEU A 173 -6.46 -8.16 -59.23
CA LEU A 173 -5.01 -8.31 -59.29
C LEU A 173 -4.38 -7.04 -59.87
N GLU A 174 -5.22 -6.19 -60.46
CA GLU A 174 -4.72 -4.96 -61.06
C GLU A 174 -4.55 -3.87 -60.01
N LEU A 175 -5.51 -3.73 -59.10
CA LEU A 175 -5.39 -2.68 -58.07
C LEU A 175 -4.20 -3.00 -57.17
N LEU A 176 -4.15 -4.24 -56.71
CA LEU A 176 -3.07 -4.70 -55.87
C LEU A 176 -1.76 -4.25 -56.48
N MET A 177 -1.47 -4.77 -57.67
CA MET A 177 -0.25 -4.45 -58.39
C MET A 177 0.01 -2.94 -58.56
N ASP A 178 -0.66 -2.12 -57.75
CA ASP A 178 -0.43 -0.68 -57.74
C ASP A 178 -0.35 -0.18 -56.30
N LEU A 179 0.61 -0.73 -55.56
CA LEU A 179 0.81 -0.36 -54.15
C LEU A 179 0.78 1.14 -53.92
N ASN A 180 1.61 1.86 -54.66
CA ASN A 180 1.70 3.31 -54.55
C ASN A 180 0.39 4.01 -54.12
N SER A 181 -0.77 3.49 -54.52
CA SER A 181 -2.03 4.15 -54.17
C SER A 181 -2.92 3.67 -53.04
N TYR A 182 -3.13 2.37 -52.85
CA TYR A 182 -4.00 2.05 -51.73
C TYR A 182 -3.39 2.61 -50.45
N THR A 183 -2.06 2.54 -50.34
CA THR A 183 -1.35 3.06 -49.17
C THR A 183 -1.61 4.54 -48.92
N LEU A 184 -1.01 5.40 -49.73
CA LEU A 184 -1.19 6.86 -49.57
C LEU A 184 -2.58 7.24 -49.03
N GLU A 185 -3.62 6.59 -49.55
CA GLU A 185 -4.98 6.88 -49.12
C GLU A 185 -5.12 6.43 -47.67
N VAL A 186 -4.65 5.23 -47.38
CA VAL A 186 -4.70 4.68 -46.01
C VAL A 186 -3.91 5.63 -45.14
N THR A 187 -2.63 5.73 -45.46
CA THR A 187 -1.68 6.56 -44.76
C THR A 187 -2.18 7.99 -44.59
N GLU A 188 -1.83 8.86 -45.54
CA GLU A 188 -2.19 10.27 -45.47
C GLU A 188 -3.66 10.61 -45.75
N GLY A 189 -4.34 9.73 -46.47
CA GLY A 189 -5.74 9.97 -46.80
C GLY A 189 -6.72 10.10 -45.66
N TYR A 190 -6.73 9.11 -44.77
CA TYR A 190 -7.64 9.15 -43.64
C TYR A 190 -7.01 8.76 -42.30
N LEU A 191 -6.25 7.66 -42.27
CA LEU A 191 -5.64 7.21 -41.02
C LEU A 191 -4.97 8.36 -40.25
N LYS A 192 -3.94 8.97 -40.84
CA LYS A 192 -3.23 10.11 -40.23
C LYS A 192 -4.20 11.21 -39.88
N LYS A 193 -5.14 11.47 -40.79
CA LYS A 193 -6.13 12.53 -40.63
C LYS A 193 -7.13 12.34 -39.49
N VAL A 194 -7.64 11.12 -39.32
CA VAL A 194 -8.64 10.85 -38.29
C VAL A 194 -8.44 11.54 -36.96
N ASN A 195 -9.47 12.27 -36.56
CA ASN A 195 -9.46 12.96 -35.28
C ASN A 195 -10.10 11.95 -34.33
N VAL A 196 -9.36 11.52 -33.31
CA VAL A 196 -9.90 10.52 -32.39
C VAL A 196 -10.99 11.09 -31.50
N THR A 197 -10.76 12.27 -30.93
CA THR A 197 -11.73 12.91 -30.04
C THR A 197 -13.06 13.06 -30.77
N GLU A 198 -13.08 12.63 -32.03
CA GLU A 198 -14.29 12.74 -32.81
C GLU A 198 -14.41 11.73 -33.96
N VAL A 199 -14.74 10.48 -33.63
CA VAL A 199 -14.96 9.40 -34.61
C VAL A 199 -16.35 8.92 -34.24
N ASN A 200 -17.25 8.86 -35.21
CA ASN A 200 -18.62 8.45 -34.94
C ASN A 200 -18.82 7.40 -33.83
N GLY A 201 -17.82 6.59 -33.51
CA GLY A 201 -18.01 5.59 -32.47
C GLY A 201 -18.72 4.38 -33.05
N ASP A 202 -19.33 4.63 -34.21
CA ASP A 202 -20.04 3.64 -35.01
C ASP A 202 -18.87 2.74 -35.34
N ASN A 203 -18.06 3.21 -36.29
CA ASN A 203 -16.83 2.55 -36.68
C ASN A 203 -15.82 3.14 -35.70
N VAL A 204 -15.20 2.27 -34.91
CA VAL A 204 -14.20 2.69 -33.93
C VAL A 204 -12.95 1.97 -34.37
N LEU A 205 -13.11 0.69 -34.62
CA LEU A 205 -12.02 -0.16 -35.04
C LEU A 205 -11.79 0.01 -36.52
N GLY A 206 -12.32 1.10 -37.07
CA GLY A 206 -12.16 1.33 -38.49
C GLY A 206 -10.80 0.91 -39.01
N PRO A 207 -9.77 1.71 -38.71
CA PRO A 207 -8.37 1.53 -39.10
C PRO A 207 -7.90 0.08 -39.11
N ILE A 208 -8.27 -0.67 -38.08
CA ILE A 208 -7.86 -2.05 -38.09
C ILE A 208 -8.59 -2.77 -39.21
N HIS A 209 -9.92 -2.65 -39.25
CA HIS A 209 -10.69 -3.33 -40.28
C HIS A 209 -10.00 -3.14 -41.59
N VAL A 210 -9.88 -1.86 -41.92
CA VAL A 210 -9.26 -1.40 -43.14
C VAL A 210 -7.89 -2.04 -43.36
N ILE A 211 -6.94 -1.69 -42.51
CA ILE A 211 -5.61 -2.23 -42.62
C ILE A 211 -5.61 -3.71 -42.94
N THR A 212 -6.52 -4.49 -42.34
CA THR A 212 -6.58 -5.92 -42.59
C THR A 212 -6.99 -6.21 -44.02
N THR A 213 -8.27 -6.03 -44.30
CA THR A 213 -8.80 -6.26 -45.63
C THR A 213 -7.67 -6.25 -46.67
N VAL A 214 -6.97 -5.12 -46.75
CA VAL A 214 -5.87 -4.95 -47.69
C VAL A 214 -4.92 -6.11 -47.51
N VAL A 215 -4.25 -6.14 -46.37
CA VAL A 215 -3.32 -7.20 -46.05
C VAL A 215 -3.93 -8.56 -46.38
N SER A 216 -5.23 -8.69 -46.12
CA SER A 216 -5.98 -9.93 -46.36
C SER A 216 -5.89 -10.44 -47.78
N SER A 217 -6.60 -9.76 -48.70
CA SER A 217 -6.61 -10.15 -50.10
C SER A 217 -5.29 -9.88 -50.83
N LEU A 218 -4.41 -9.09 -50.23
CA LEU A 218 -3.10 -8.81 -50.82
C LEU A 218 -2.36 -10.13 -50.76
N VAL A 219 -2.53 -10.82 -49.62
CA VAL A 219 -1.91 -12.12 -49.36
C VAL A 219 -2.59 -13.23 -50.13
N ARG A 220 -3.91 -13.14 -50.26
CA ARG A 220 -4.68 -14.12 -50.99
C ARG A 220 -4.05 -14.35 -52.37
N ASN A 221 -3.65 -13.25 -53.01
CA ASN A 221 -3.07 -13.30 -54.34
C ASN A 221 -1.55 -13.38 -54.37
N GLY A 222 -0.98 -13.97 -53.31
CA GLY A 222 0.46 -14.15 -53.20
C GLY A 222 1.36 -13.03 -53.70
N LEU A 223 1.02 -11.79 -53.36
CA LEU A 223 1.82 -10.64 -53.77
C LEU A 223 2.50 -10.07 -52.53
N LEU A 224 3.15 -10.96 -51.79
CA LEU A 224 3.82 -10.62 -50.54
C LEU A 224 4.78 -9.44 -50.62
N ILE A 225 5.74 -9.51 -51.53
CA ILE A 225 6.73 -8.43 -51.68
C ILE A 225 6.01 -7.15 -52.09
N GLN A 226 4.70 -7.15 -51.91
CA GLN A 226 3.85 -6.03 -52.24
C GLN A 226 3.19 -5.56 -50.95
N SER A 227 2.86 -6.53 -50.09
CA SER A 227 2.21 -6.25 -48.80
C SER A 227 3.23 -5.89 -47.74
N SER A 228 4.22 -6.75 -47.54
CA SER A 228 5.25 -6.50 -46.55
C SER A 228 5.50 -5.03 -46.60
N LYS A 229 5.58 -4.54 -47.83
CA LYS A 229 5.79 -3.13 -48.07
C LYS A 229 4.69 -2.34 -47.38
N PHE A 230 3.47 -2.49 -47.88
CA PHE A 230 2.32 -1.79 -47.31
C PHE A 230 2.41 -1.74 -45.79
N ILE A 231 2.18 -2.88 -45.18
CA ILE A 231 2.19 -3.02 -43.74
C ILE A 231 3.35 -2.34 -43.01
N SER A 232 4.56 -2.49 -43.54
CA SER A 232 5.74 -1.87 -42.94
C SER A 232 5.58 -0.37 -43.01
N LYS A 233 5.11 0.13 -44.14
CA LYS A 233 4.91 1.57 -44.29
C LYS A 233 3.77 2.03 -43.36
N VAL A 234 2.83 1.15 -43.07
CA VAL A 234 1.71 1.51 -42.21
C VAL A 234 2.16 1.60 -40.78
N LEU A 235 2.86 0.57 -40.32
CA LEU A 235 3.35 0.56 -38.95
C LEU A 235 4.09 1.85 -38.58
N LEU A 236 5.11 2.20 -39.38
CA LEU A 236 5.88 3.42 -39.11
C LEU A 236 5.02 4.67 -38.92
N THR A 237 3.92 4.74 -39.68
CA THR A 237 3.00 5.86 -39.66
C THR A 237 1.98 5.89 -38.55
N VAL A 238 1.70 4.75 -37.95
CA VAL A 238 0.75 4.72 -36.83
C VAL A 238 1.59 5.20 -35.65
N GLU A 239 2.72 4.53 -35.47
CA GLU A 239 3.69 4.82 -34.42
C GLU A 239 3.89 6.32 -34.36
N SER A 240 4.10 6.92 -35.53
CA SER A 240 4.28 8.35 -35.62
C SER A 240 3.15 9.06 -34.89
N ILE A 241 1.96 8.98 -35.47
CA ILE A 241 0.79 9.62 -34.91
C ILE A 241 0.73 9.50 -33.39
N VAL A 242 1.12 8.34 -32.85
CA VAL A 242 1.09 8.14 -31.40
C VAL A 242 2.14 9.04 -30.75
N MET A 243 3.34 8.99 -31.32
CA MET A 243 4.45 9.79 -30.86
C MET A 243 4.21 11.25 -31.23
N SER A 244 2.95 11.64 -31.32
CA SER A 244 2.60 13.01 -31.65
C SER A 244 1.57 13.52 -30.65
N LEU A 245 0.39 12.93 -30.70
CA LEU A 245 -0.72 13.25 -29.81
C LEU A 245 -0.46 14.32 -28.74
N PRO A 246 -1.43 15.24 -28.55
CA PRO A 246 -1.33 16.32 -27.56
C PRO A 246 -1.25 15.79 -26.12
N LYS A 247 -0.84 16.64 -25.17
CA LYS A 247 -0.74 16.22 -23.77
C LYS A 247 -2.10 15.81 -23.24
N ASP A 248 -3.14 16.07 -24.04
CA ASP A 248 -4.52 15.76 -23.66
C ASP A 248 -5.01 14.60 -24.48
N GLU A 249 -4.95 14.78 -25.79
CA GLU A 249 -5.37 13.74 -26.71
C GLU A 249 -4.26 12.70 -26.61
N THR A 250 -3.87 12.38 -25.38
CA THR A 250 -2.83 11.38 -25.08
C THR A 250 -3.53 10.28 -24.31
N MET A 251 -4.75 10.59 -23.86
CA MET A 251 -5.59 9.65 -23.12
C MET A 251 -6.31 8.76 -24.12
N LEU A 252 -7.48 9.20 -24.60
CA LEU A 252 -8.26 8.41 -25.56
C LEU A 252 -7.65 8.44 -26.96
N GLY A 253 -6.45 9.00 -27.02
CA GLY A 253 -5.73 9.06 -28.27
C GLY A 253 -4.88 7.82 -28.30
N GLY A 254 -4.20 7.54 -27.20
CA GLY A 254 -3.39 6.34 -27.16
C GLY A 254 -4.32 5.18 -27.44
N ILE A 255 -4.99 4.71 -26.40
CA ILE A 255 -5.93 3.60 -26.49
C ILE A 255 -6.42 3.35 -27.91
N PHE A 256 -7.19 4.30 -28.45
CA PHE A 256 -7.75 4.16 -29.78
C PHE A 256 -6.85 3.47 -30.79
N TRP A 257 -5.58 3.85 -30.85
CA TRP A 257 -4.70 3.24 -31.82
C TRP A 257 -4.10 1.91 -31.35
N LEU A 258 -4.06 1.74 -30.04
CA LEU A 258 -3.48 0.52 -29.48
C LEU A 258 -4.39 -0.70 -29.65
N SER A 259 -5.62 -0.62 -29.14
CA SER A 259 -6.53 -1.76 -29.28
C SER A 259 -6.70 -2.08 -30.75
N ASN A 260 -6.49 -1.07 -31.61
CA ASN A 260 -6.58 -1.26 -33.04
C ASN A 260 -5.36 -2.01 -33.52
N LEU A 261 -4.23 -1.74 -32.86
CA LEU A 261 -2.98 -2.39 -33.20
C LEU A 261 -2.88 -3.75 -32.52
N SER A 262 -3.50 -3.86 -31.35
CA SER A 262 -3.47 -5.11 -30.60
C SER A 262 -4.08 -6.22 -31.45
N ARG A 263 -4.94 -5.83 -32.37
CA ARG A 263 -5.62 -6.77 -33.24
C ARG A 263 -4.81 -7.22 -34.45
N LEU A 264 -3.83 -6.43 -34.86
CA LEU A 264 -3.07 -6.78 -36.04
C LEU A 264 -2.30 -8.10 -35.96
N PRO A 265 -1.45 -8.30 -34.93
CA PRO A 265 -0.70 -9.56 -34.81
C PRO A 265 -1.64 -10.75 -34.65
N ALA A 266 -2.86 -10.45 -34.20
CA ALA A 266 -3.88 -11.48 -34.03
C ALA A 266 -4.44 -11.79 -35.41
N PHE A 267 -5.00 -10.79 -36.07
CA PHE A 267 -5.56 -11.00 -37.41
C PHE A 267 -4.42 -11.15 -38.40
N ALA A 268 -3.42 -11.87 -37.91
CA ALA A 268 -2.20 -12.23 -38.60
C ALA A 268 -2.04 -13.71 -38.29
N ALA A 269 -1.98 -14.05 -37.00
CA ALA A 269 -1.85 -15.43 -36.58
C ALA A 269 -3.09 -16.23 -37.00
N ASN A 270 -4.17 -15.51 -37.31
CA ASN A 270 -5.44 -16.09 -37.75
C ASN A 270 -5.38 -16.28 -39.25
N GLN A 271 -4.75 -15.32 -39.92
CA GLN A 271 -4.58 -15.39 -41.36
C GLN A 271 -3.56 -16.48 -41.62
N LYS A 272 -3.20 -17.21 -40.57
CA LYS A 272 -2.23 -18.28 -40.68
C LYS A 272 -3.04 -19.57 -40.78
N THR A 273 -4.04 -19.72 -39.90
CA THR A 273 -4.92 -20.90 -39.87
C THR A 273 -5.32 -21.28 -41.29
N LEU A 274 -5.49 -20.24 -42.10
CA LEU A 274 -5.92 -20.37 -43.48
C LEU A 274 -4.99 -21.17 -44.40
N TYR A 275 -3.81 -20.63 -44.69
CA TYR A 275 -2.86 -21.28 -45.58
C TYR A 275 -2.07 -22.46 -45.00
N GLU A 276 -2.43 -22.91 -43.80
CA GLU A 276 -1.68 -23.99 -43.16
C GLU A 276 -1.85 -25.46 -43.60
N ALA A 277 -2.93 -26.10 -43.15
CA ALA A 277 -3.21 -27.51 -43.45
C ALA A 277 -3.08 -27.99 -44.91
N ASN A 278 -2.83 -27.06 -45.83
CA ASN A 278 -2.69 -27.39 -47.26
C ASN A 278 -1.49 -28.34 -47.49
N GLY A 279 -0.29 -27.78 -47.66
CA GLY A 279 0.89 -28.60 -47.86
C GLY A 279 1.72 -28.28 -49.11
N GLY A 280 1.45 -27.13 -49.72
CA GLY A 280 2.14 -26.75 -50.95
C GLY A 280 3.44 -25.99 -50.90
N ASP A 281 4.47 -26.58 -51.49
CA ASP A 281 5.82 -26.03 -51.55
C ASP A 281 6.03 -24.58 -51.96
N GLU A 282 4.99 -23.86 -52.36
CA GLU A 282 5.21 -22.45 -52.71
C GLU A 282 4.23 -21.48 -52.05
N LYS A 283 2.93 -21.66 -52.27
CA LYS A 283 1.96 -20.75 -51.68
C LYS A 283 1.59 -21.18 -50.25
N ASP A 284 2.57 -21.77 -49.57
CA ASP A 284 2.37 -22.22 -48.20
C ASP A 284 3.59 -21.94 -47.35
N LYS A 285 4.73 -22.48 -47.75
CA LYS A 285 5.95 -22.25 -46.99
C LYS A 285 6.33 -20.77 -47.05
N LEU A 286 6.49 -20.24 -48.26
CA LEU A 286 6.87 -18.82 -48.42
C LEU A 286 5.84 -17.92 -47.75
N THR A 287 4.60 -18.37 -47.74
CA THR A 287 3.52 -17.61 -47.12
C THR A 287 3.44 -17.89 -45.62
N LEU A 288 3.20 -19.15 -45.24
CA LEU A 288 3.13 -19.50 -43.83
C LEU A 288 4.26 -18.81 -43.08
N ILE A 289 5.34 -18.53 -43.81
CA ILE A 289 6.51 -17.90 -43.23
C ILE A 289 6.51 -16.38 -43.26
N TYR A 290 5.70 -15.77 -44.13
CA TYR A 290 5.62 -14.30 -44.16
C TYR A 290 4.58 -13.82 -43.17
N LEU A 291 3.65 -14.71 -42.82
CA LEU A 291 2.62 -14.38 -41.87
C LEU A 291 3.09 -14.73 -40.48
N ASN A 292 3.72 -15.88 -40.34
CA ASN A 292 4.27 -16.27 -39.05
C ASN A 292 5.29 -15.18 -38.78
N ASP A 293 5.80 -14.62 -39.87
CA ASP A 293 6.77 -13.54 -39.80
C ASP A 293 6.10 -12.25 -39.33
N LEU A 294 5.08 -11.81 -40.04
CA LEU A 294 4.39 -10.58 -39.68
C LEU A 294 4.05 -10.54 -38.19
N GLU A 295 3.45 -11.62 -37.69
CA GLU A 295 3.05 -11.70 -36.29
C GLU A 295 4.11 -11.05 -35.40
N ASN A 296 5.37 -11.25 -35.77
CA ASN A 296 6.47 -10.70 -35.00
C ASN A 296 6.73 -9.22 -35.14
N GLU A 297 7.14 -8.79 -36.33
CA GLU A 297 7.44 -7.38 -36.59
C GLU A 297 6.24 -6.47 -36.32
N THR A 298 5.12 -7.07 -35.93
CA THR A 298 3.90 -6.32 -35.62
C THR A 298 3.85 -6.28 -34.11
N LEU A 299 3.97 -7.45 -33.51
CA LEU A 299 3.96 -7.55 -32.07
C LEU A 299 5.02 -6.59 -31.53
N LYS A 300 6.24 -6.62 -32.10
CA LYS A 300 7.29 -5.70 -31.65
C LYS A 300 6.67 -4.32 -31.63
N VAL A 301 6.46 -3.80 -32.83
CA VAL A 301 5.89 -2.47 -33.05
C VAL A 301 4.72 -2.12 -32.16
N PHE A 302 3.92 -3.10 -31.76
CA PHE A 302 2.80 -2.77 -30.87
C PHE A 302 3.32 -2.56 -29.47
N ASP A 303 3.90 -3.61 -28.90
CA ASP A 303 4.43 -3.49 -27.56
C ASP A 303 5.25 -2.23 -27.44
N LYS A 304 6.39 -2.15 -28.13
CA LYS A 304 7.25 -0.98 -28.04
C LYS A 304 6.56 0.38 -28.05
N ILE A 305 5.48 0.51 -28.81
CA ILE A 305 4.71 1.77 -28.87
C ILE A 305 3.83 1.92 -27.65
N TYR A 306 3.36 0.79 -27.15
CA TYR A 306 2.52 0.72 -25.97
C TYR A 306 3.30 1.04 -24.73
N SER A 307 4.49 0.46 -24.61
CA SER A 307 5.32 0.69 -23.44
C SER A 307 5.77 2.13 -23.37
N THR A 308 6.07 2.75 -24.51
CA THR A 308 6.49 4.15 -24.46
C THR A 308 5.27 5.07 -24.32
N TRP A 309 4.09 4.58 -24.70
CA TRP A 309 2.86 5.35 -24.58
C TRP A 309 2.35 5.28 -23.13
N LEU A 310 2.22 4.06 -22.61
CA LEU A 310 1.75 3.87 -21.25
C LEU A 310 2.57 4.70 -20.28
N VAL A 311 3.87 4.40 -20.24
CA VAL A 311 4.81 5.12 -19.40
C VAL A 311 4.46 6.61 -19.45
N LYS A 312 4.61 7.20 -20.64
CA LYS A 312 4.33 8.61 -20.88
C LYS A 312 2.94 8.98 -20.35
N PHE A 313 1.96 8.13 -20.60
CA PHE A 313 0.59 8.36 -20.17
C PHE A 313 0.50 8.51 -18.65
N MET A 314 1.17 7.61 -17.93
CA MET A 314 1.17 7.62 -16.48
C MET A 314 1.88 8.83 -15.90
N LYS A 315 3.01 9.23 -16.50
CA LYS A 315 3.72 10.39 -16.00
C LYS A 315 2.71 11.53 -15.90
N HIS A 316 2.30 12.04 -17.07
CA HIS A 316 1.35 13.14 -17.16
C HIS A 316 0.12 13.03 -16.23
N ALA A 317 -0.55 11.87 -16.24
CA ALA A 317 -1.73 11.67 -15.41
C ALA A 317 -1.47 11.50 -13.90
N SER A 318 -0.25 11.10 -13.54
CA SER A 318 0.11 10.91 -12.14
C SER A 318 0.20 12.25 -11.43
N ALA A 319 0.33 13.32 -12.22
CA ALA A 319 0.43 14.67 -11.70
C ALA A 319 -0.97 15.28 -11.68
N HIS A 320 -1.76 14.97 -12.70
CA HIS A 320 -3.14 15.44 -12.79
C HIS A 320 -3.78 15.02 -11.47
N ILE A 321 -3.50 13.78 -11.09
CA ILE A 321 -4.02 13.16 -9.86
C ILE A 321 -3.20 13.55 -8.62
N GLU A 322 -1.90 13.70 -8.81
CA GLU A 322 -1.00 14.02 -7.70
C GLU A 322 -1.14 12.90 -6.69
N ILE A 323 -0.89 11.68 -7.17
CA ILE A 323 -0.98 10.47 -6.37
C ILE A 323 0.00 10.47 -5.20
N PHE A 324 1.21 10.97 -5.39
CA PHE A 324 2.17 10.99 -4.29
C PHE A 324 1.46 11.51 -3.04
N ASP A 325 1.08 12.78 -3.09
CA ASP A 325 0.44 13.43 -1.98
C ASP A 325 -0.68 12.68 -1.29
N MET A 326 -1.30 11.73 -1.97
CA MET A 326 -2.39 11.02 -1.31
C MET A 326 -2.02 9.66 -0.73
N VAL A 327 -0.87 9.10 -1.12
CA VAL A 327 -0.49 7.79 -0.60
C VAL A 327 0.92 7.64 -0.05
N LEU A 328 1.72 8.69 -0.12
CA LEU A 328 3.07 8.62 0.38
C LEU A 328 3.45 9.99 0.90
N ASN A 329 2.59 10.51 1.77
CA ASN A 329 2.79 11.82 2.36
C ASN A 329 2.31 11.83 3.82
N GLU A 330 3.02 12.55 4.68
CA GLU A 330 2.64 12.62 6.09
C GLU A 330 1.59 13.69 6.26
N LYS A 331 1.84 14.85 5.64
CA LYS A 331 0.94 16.00 5.67
C LYS A 331 -0.53 15.63 5.58
N LEU A 332 -0.84 14.49 4.98
CA LEU A 332 -2.23 14.08 4.82
C LEU A 332 -2.71 12.80 5.54
N PHE A 333 -3.37 12.99 6.68
CA PHE A 333 -3.95 11.90 7.45
C PHE A 333 -5.44 12.00 7.14
N LYS A 334 -5.89 13.24 7.14
CA LYS A 334 -7.28 13.63 6.87
C LYS A 334 -8.04 12.78 5.86
N ASN A 335 -9.37 12.72 6.02
CA ASN A 335 -10.20 11.98 5.08
C ASN A 335 -10.23 12.83 3.83
N SER A 336 -9.27 13.75 3.73
CA SER A 336 -9.12 14.67 2.60
C SER A 336 -8.52 13.93 1.41
N GLY A 337 -7.70 12.92 1.72
CA GLY A 337 -7.13 12.11 0.67
C GLY A 337 -8.27 11.25 0.18
N ASP A 338 -9.27 11.10 1.05
CA ASP A 338 -10.47 10.32 0.76
C ASP A 338 -11.26 11.21 -0.18
N GLU A 339 -10.91 12.49 -0.14
CA GLU A 339 -11.53 13.47 -0.99
C GLU A 339 -10.76 13.51 -2.29
N LYS A 340 -9.44 13.32 -2.22
CA LYS A 340 -8.66 13.32 -3.43
C LYS A 340 -8.74 11.92 -4.04
N PHE A 341 -8.84 10.90 -3.18
CA PHE A 341 -8.96 9.51 -3.63
C PHE A 341 -10.19 9.47 -4.53
N ALA A 342 -11.20 10.24 -4.14
CA ALA A 342 -12.42 10.31 -4.90
C ALA A 342 -12.07 10.75 -6.32
N LYS A 343 -11.21 11.76 -6.45
CA LYS A 343 -10.81 12.23 -7.77
C LYS A 343 -10.11 11.12 -8.53
N LEU A 344 -9.23 10.42 -7.82
CA LEU A 344 -8.47 9.32 -8.42
C LEU A 344 -9.43 8.39 -9.10
N PHE A 345 -10.42 7.93 -8.34
CA PHE A 345 -11.45 7.01 -8.80
C PHE A 345 -12.29 7.61 -9.93
N THR A 346 -12.67 8.86 -9.74
CA THR A 346 -13.44 9.60 -10.71
C THR A 346 -12.66 9.57 -12.01
N PHE A 347 -11.36 9.37 -11.85
CA PHE A 347 -10.45 9.34 -12.96
C PHE A 347 -10.24 7.96 -13.58
N LEU A 348 -10.25 6.95 -12.74
CA LEU A 348 -10.07 5.60 -13.21
C LEU A 348 -11.28 5.18 -13.99
N ASN A 349 -12.46 5.54 -13.48
CA ASN A 349 -13.69 5.19 -14.18
C ASN A 349 -13.60 5.76 -15.58
N GLU A 350 -13.25 7.05 -15.66
CA GLU A 350 -13.09 7.72 -16.94
C GLU A 350 -12.24 6.83 -17.84
N PHE A 351 -11.03 6.51 -17.37
CA PHE A 351 -10.08 5.66 -18.07
C PHE A 351 -10.73 4.34 -18.49
N ASP A 352 -11.56 3.78 -17.61
CA ASP A 352 -12.26 2.52 -17.87
C ASP A 352 -13.15 2.75 -19.07
N ALA A 353 -13.95 3.82 -18.99
CA ALA A 353 -14.86 4.21 -20.05
C ALA A 353 -14.14 3.99 -21.36
N VAL A 354 -13.22 4.92 -21.64
CA VAL A 354 -12.40 4.91 -22.84
C VAL A 354 -12.24 3.53 -23.42
N LEU A 355 -11.48 2.71 -22.71
CA LEU A 355 -11.22 1.34 -23.14
C LEU A 355 -12.44 0.71 -23.74
N SER A 356 -13.59 1.06 -23.19
CA SER A 356 -14.78 0.47 -23.72
C SER A 356 -15.37 1.27 -24.86
N LYS A 357 -15.48 2.58 -24.69
CA LYS A 357 -15.98 3.41 -25.78
C LYS A 357 -15.14 3.08 -27.03
N PHE A 358 -14.07 2.29 -26.87
CA PHE A 358 -13.20 1.93 -28.00
C PHE A 358 -12.91 0.44 -28.17
N GLN A 359 -13.95 -0.39 -28.01
CA GLN A 359 -13.87 -1.85 -28.14
C GLN A 359 -12.45 -2.41 -27.98
N VAL A 360 -11.85 -2.16 -26.82
CA VAL A 360 -10.52 -2.64 -26.50
C VAL A 360 -10.66 -4.08 -26.13
N VAL A 361 -9.87 -4.93 -26.76
CA VAL A 361 -9.90 -6.37 -26.48
C VAL A 361 -10.09 -6.58 -24.98
N ASP A 362 -10.50 -7.78 -24.60
CA ASP A 362 -10.76 -8.08 -23.19
C ASP A 362 -9.58 -8.40 -22.29
N SER A 363 -8.76 -9.37 -22.68
CA SER A 363 -7.60 -9.75 -21.88
C SER A 363 -6.52 -8.69 -22.06
N MET A 364 -6.91 -7.55 -22.63
CA MET A 364 -6.03 -6.42 -22.86
C MET A 364 -6.43 -5.38 -21.85
N HIS A 365 -7.72 -5.05 -21.86
CA HIS A 365 -8.30 -4.11 -20.93
C HIS A 365 -7.68 -4.44 -19.58
N THR A 366 -7.40 -5.73 -19.41
CA THR A 366 -6.82 -6.25 -18.19
C THR A 366 -5.31 -5.99 -18.03
N LYS A 367 -4.50 -6.38 -19.01
CA LYS A 367 -3.05 -6.16 -18.91
C LYS A 367 -2.82 -4.73 -18.54
N ILE A 368 -3.57 -3.87 -19.20
CA ILE A 368 -3.49 -2.45 -18.97
C ILE A 368 -3.56 -2.12 -17.48
N PHE A 369 -4.59 -2.58 -16.79
CA PHE A 369 -4.73 -2.31 -15.37
C PHE A 369 -3.62 -2.87 -14.51
N ASN A 370 -3.07 -4.01 -14.90
CA ASN A 370 -1.97 -4.55 -14.12
C ASN A 370 -0.82 -3.58 -14.33
N ASP A 371 -0.49 -3.33 -15.60
CA ASP A 371 0.59 -2.39 -15.93
C ASP A 371 0.42 -1.07 -15.18
N THR A 372 -0.78 -0.50 -15.26
CA THR A 372 -1.11 0.74 -14.58
C THR A 372 -0.56 0.68 -13.17
N LEU A 373 -0.91 -0.38 -12.45
CA LEU A 373 -0.44 -0.57 -11.10
C LEU A 373 1.09 -0.56 -11.09
N LYS A 374 1.68 -1.46 -11.88
CA LYS A 374 3.13 -1.60 -11.96
C LYS A 374 3.85 -0.27 -11.97
N TYR A 375 3.53 0.58 -12.95
CA TYR A 375 4.15 1.88 -12.99
C TYR A 375 3.99 2.47 -11.58
N LEU A 376 2.76 2.80 -11.19
CA LEU A 376 2.51 3.34 -9.86
C LEU A 376 3.36 2.64 -8.79
N ASN A 377 3.58 1.35 -8.99
CA ASN A 377 4.36 0.59 -8.03
C ASN A 377 5.75 1.18 -7.99
N VAL A 378 6.38 1.18 -9.16
CA VAL A 378 7.72 1.74 -9.29
C VAL A 378 7.69 3.16 -8.72
N MET A 379 7.07 4.06 -9.45
CA MET A 379 6.96 5.44 -9.00
C MET A 379 6.71 5.56 -7.49
N LEU A 380 5.78 4.77 -6.95
CA LEU A 380 5.49 4.86 -5.54
C LEU A 380 6.64 4.41 -4.68
N PHE A 381 7.39 3.43 -5.16
CA PHE A 381 8.54 2.94 -4.39
C PHE A 381 9.68 3.92 -4.51
N ASN A 382 10.00 4.26 -5.75
CA ASN A 382 11.07 5.19 -6.04
C ASN A 382 10.99 6.39 -5.14
N ASP A 383 9.90 7.14 -5.24
CA ASP A 383 9.77 8.32 -4.40
C ASP A 383 9.86 7.95 -2.92
N LEU A 384 9.58 6.69 -2.56
CA LEU A 384 9.63 6.27 -1.16
C LEU A 384 11.05 6.27 -0.58
N ILE A 385 12.04 6.54 -1.41
CA ILE A 385 13.42 6.61 -0.93
C ILE A 385 14.01 7.85 -1.61
N THR A 386 13.16 8.87 -1.68
CA THR A 386 13.45 10.15 -2.27
C THR A 386 12.74 11.17 -1.40
N LYS A 387 11.52 11.56 -1.80
CA LYS A 387 10.74 12.53 -1.02
C LYS A 387 10.41 11.89 0.30
N SER A 388 9.44 10.98 0.32
CA SER A 388 9.07 10.18 1.50
C SER A 388 8.54 10.66 2.89
N PRO A 389 9.36 11.29 3.74
CA PRO A 389 10.76 11.72 3.78
C PRO A 389 11.49 10.86 4.80
N ALA A 390 11.11 11.03 6.07
CA ALA A 390 11.71 10.25 7.15
C ALA A 390 10.78 9.08 7.34
N LEU A 391 11.35 7.88 7.42
CA LEU A 391 10.55 6.67 7.60
C LEU A 391 10.35 6.35 9.06
N ASN A 392 9.22 5.73 9.36
CA ASN A 392 8.87 5.41 10.73
C ASN A 392 7.80 4.31 10.73
N TRP A 393 7.97 3.31 11.58
CA TRP A 393 7.02 2.20 11.70
C TRP A 393 5.56 2.63 11.60
N LYS A 394 5.25 3.80 12.15
CA LYS A 394 3.90 4.30 12.08
C LYS A 394 3.69 4.77 10.65
N TYR A 395 4.62 5.60 10.14
CA TYR A 395 4.52 6.10 8.76
C TYR A 395 4.19 4.97 7.79
N GLY A 396 4.75 3.79 8.07
CA GLY A 396 4.46 2.66 7.21
C GLY A 396 2.97 2.44 7.22
N TYR A 397 2.44 2.07 8.38
CA TYR A 397 1.01 1.82 8.54
C TYR A 397 0.13 2.87 7.85
N GLU A 398 0.45 4.17 7.96
CA GLU A 398 -0.36 5.20 7.26
C GLU A 398 -0.37 4.83 5.77
N VAL A 399 0.82 4.75 5.18
CA VAL A 399 0.98 4.43 3.77
C VAL A 399 0.48 3.05 3.37
N ASP A 400 0.57 2.09 4.28
CA ASP A 400 0.08 0.77 3.95
C ASP A 400 -1.42 0.94 3.77
N ARG A 401 -2.06 1.60 4.74
CA ARG A 401 -3.51 1.78 4.68
C ARG A 401 -3.93 2.67 3.53
N ASN A 402 -3.11 3.66 3.18
CA ASN A 402 -3.46 4.47 2.05
C ASN A 402 -3.48 3.57 0.85
N ILE A 403 -2.46 2.73 0.74
CA ILE A 403 -2.38 1.81 -0.39
C ILE A 403 -3.63 0.94 -0.50
N GLU A 404 -4.33 0.76 0.61
CA GLU A 404 -5.55 -0.04 0.63
C GLU A 404 -6.59 0.54 -0.29
N ARG A 405 -6.85 1.84 -0.15
CA ARG A 405 -7.85 2.48 -0.98
C ARG A 405 -7.48 2.40 -2.46
N LEU A 406 -6.21 2.63 -2.79
CA LEU A 406 -5.74 2.58 -4.17
C LEU A 406 -6.03 1.24 -4.88
N VAL A 407 -5.84 0.17 -4.12
CA VAL A 407 -6.06 -1.19 -4.59
C VAL A 407 -7.54 -1.47 -4.55
N SER A 408 -8.23 -0.74 -3.68
CA SER A 408 -9.67 -0.89 -3.51
C SER A 408 -10.46 -0.80 -4.81
N TRP A 409 -10.06 0.10 -5.71
CA TRP A 409 -10.74 0.29 -6.98
C TRP A 409 -10.51 -0.81 -8.00
N PHE A 410 -9.47 -1.60 -7.79
CA PHE A 410 -9.16 -2.67 -8.70
C PHE A 410 -9.68 -4.00 -8.22
N GLU A 411 -9.85 -4.15 -6.91
CA GLU A 411 -10.33 -5.42 -6.33
C GLU A 411 -11.40 -6.03 -7.25
N PRO A 412 -12.46 -5.26 -7.56
CA PRO A 412 -13.59 -5.64 -8.41
C PRO A 412 -13.36 -5.99 -9.89
N ARG A 413 -12.48 -5.25 -10.58
CA ARG A 413 -12.23 -5.48 -12.02
C ARG A 413 -11.21 -6.54 -12.45
N ILE A 414 -10.06 -6.59 -11.77
CA ILE A 414 -9.04 -7.57 -12.13
C ILE A 414 -8.74 -8.56 -11.02
N GLU A 415 -8.04 -9.64 -11.38
CA GLU A 415 -7.68 -10.66 -10.43
C GLU A 415 -6.22 -10.57 -9.98
N ASP A 416 -6.02 -10.79 -8.68
CA ASP A 416 -4.69 -10.75 -8.07
C ASP A 416 -4.07 -9.43 -8.46
N VAL A 417 -4.39 -8.41 -7.68
CA VAL A 417 -3.90 -7.05 -7.94
C VAL A 417 -2.63 -6.80 -7.17
N ARG A 418 -2.67 -7.11 -5.88
CA ARG A 418 -1.54 -6.88 -5.04
C ARG A 418 -0.19 -7.47 -5.46
N PRO A 419 -0.16 -8.38 -6.47
CA PRO A 419 1.16 -8.91 -6.85
C PRO A 419 1.92 -7.92 -7.70
N ASN A 420 1.25 -6.88 -8.15
CA ASN A 420 1.91 -5.87 -8.99
C ASN A 420 2.63 -4.87 -8.10
N LEU A 421 1.99 -4.51 -6.99
CA LEU A 421 2.55 -3.55 -6.04
C LEU A 421 3.40 -4.20 -4.99
N ILE A 422 3.81 -5.43 -5.24
CA ILE A 422 4.60 -6.16 -4.26
C ILE A 422 5.82 -5.40 -3.78
N GLN A 423 6.47 -4.71 -4.71
CA GLN A 423 7.66 -3.93 -4.44
C GLN A 423 7.48 -2.90 -3.33
N ILE A 424 6.27 -2.37 -3.19
CA ILE A 424 6.05 -1.38 -2.15
C ILE A 424 5.21 -1.94 -1.03
N ILE A 425 4.20 -2.74 -1.35
CA ILE A 425 3.40 -3.27 -0.25
C ILE A 425 4.39 -4.04 0.61
N GLN A 426 5.37 -4.69 -0.02
CA GLN A 426 6.38 -5.43 0.74
C GLN A 426 7.21 -4.39 1.48
N ALA A 427 7.93 -3.58 0.72
CA ALA A 427 8.74 -2.50 1.26
C ALA A 427 8.14 -2.00 2.56
N VAL A 428 6.90 -1.54 2.47
CA VAL A 428 6.22 -1.00 3.63
C VAL A 428 6.13 -1.98 4.79
N LYS A 429 5.78 -3.24 4.54
CA LYS A 429 5.69 -4.20 5.64
C LYS A 429 6.95 -4.08 6.49
N ILE A 430 8.11 -4.02 5.85
CA ILE A 430 9.38 -3.85 6.54
C ILE A 430 9.28 -2.72 7.57
N LEU A 431 9.25 -1.49 7.08
CA LEU A 431 9.15 -0.32 7.94
C LEU A 431 8.22 -0.61 9.08
N GLN A 432 7.16 -1.34 8.81
CA GLN A 432 6.17 -1.65 9.84
C GLN A 432 6.64 -2.55 10.95
N LEU A 433 7.83 -3.13 10.82
CA LEU A 433 8.33 -3.95 11.90
C LEU A 433 9.78 -3.65 12.22
N LYS A 434 10.04 -2.44 12.71
CA LYS A 434 11.40 -2.07 13.07
C LYS A 434 12.03 -3.28 13.74
N ILE A 435 13.18 -3.71 13.23
CA ILE A 435 13.90 -4.86 13.79
C ILE A 435 15.16 -4.39 14.51
N SER A 436 15.51 -5.09 15.59
CA SER A 436 16.71 -4.73 16.37
C SER A 436 17.65 -5.91 16.63
N ASN A 437 17.18 -7.13 16.39
CA ASN A 437 18.02 -8.29 16.57
C ASN A 437 18.61 -8.59 15.20
N LEU A 438 19.92 -8.73 15.13
CA LEU A 438 20.52 -9.02 13.86
C LEU A 438 20.02 -10.39 13.44
N ASN A 439 19.97 -11.30 14.42
CA ASN A 439 19.51 -12.67 14.19
C ASN A 439 18.10 -12.64 13.65
N GLU A 440 17.18 -12.00 14.37
CA GLU A 440 15.81 -11.93 13.88
C GLU A 440 15.82 -11.59 12.41
N PHE A 441 16.41 -10.44 12.11
CA PHE A 441 16.51 -9.95 10.76
C PHE A 441 17.09 -11.05 9.88
N LYS A 442 18.24 -11.57 10.29
CA LYS A 442 18.93 -12.62 9.54
C LYS A 442 18.01 -13.79 9.18
N LEU A 443 17.08 -14.09 10.07
CA LEU A 443 16.13 -15.20 9.93
C LEU A 443 14.96 -14.78 9.07
N LEU A 444 14.58 -13.53 9.20
CA LEU A 444 13.47 -13.01 8.44
C LEU A 444 13.90 -12.47 7.10
N PHE A 445 15.19 -12.53 6.77
CA PHE A 445 15.59 -11.99 5.48
C PHE A 445 14.82 -12.69 4.34
N ASP A 446 14.81 -14.03 4.34
CA ASP A 446 14.09 -14.78 3.30
C ASP A 446 12.71 -14.22 3.02
N PHE A 447 12.19 -13.43 3.96
CA PHE A 447 10.89 -12.80 3.85
C PHE A 447 10.76 -11.94 2.60
N TRP A 448 11.40 -10.77 2.62
CA TRP A 448 11.28 -9.86 1.48
C TRP A 448 11.93 -10.36 0.21
N TYR A 449 11.11 -11.05 -0.58
CA TYR A 449 11.49 -11.67 -1.84
C TYR A 449 11.34 -10.77 -3.06
N ALA A 450 10.87 -9.55 -2.87
CA ALA A 450 10.71 -8.64 -4.01
C ALA A 450 11.84 -7.60 -4.10
N LEU A 451 12.44 -7.28 -2.95
CA LEU A 451 13.53 -6.32 -2.94
C LEU A 451 14.85 -7.08 -2.84
N ASN A 452 15.88 -6.59 -3.52
CA ASN A 452 17.19 -7.20 -3.47
C ASN A 452 17.85 -6.55 -2.26
N PRO A 453 18.86 -7.18 -1.67
CA PRO A 453 19.46 -6.54 -0.50
C PRO A 453 19.77 -5.07 -0.70
N ALA A 454 20.14 -4.69 -1.92
CA ALA A 454 20.48 -3.30 -2.20
C ALA A 454 19.40 -2.33 -1.76
N GLN A 455 18.17 -2.50 -2.25
CA GLN A 455 17.07 -1.58 -1.89
C GLN A 455 16.70 -1.65 -0.41
N ILE A 456 16.84 -2.83 0.18
CA ILE A 456 16.55 -2.92 1.59
C ILE A 456 17.52 -1.94 2.23
N GLN A 457 18.81 -2.04 1.88
CA GLN A 457 19.82 -1.13 2.44
C GLN A 457 19.39 0.29 2.19
N ALA A 458 18.46 0.48 1.27
CA ALA A 458 17.95 1.80 0.98
C ALA A 458 16.83 2.08 1.99
N ILE A 459 15.69 1.41 1.83
CA ILE A 459 14.59 1.65 2.77
C ILE A 459 15.04 1.84 4.20
N LEU A 460 15.86 0.90 4.66
CA LEU A 460 16.38 0.89 6.02
C LEU A 460 17.32 2.00 6.45
N LEU A 461 18.02 2.63 5.50
CA LEU A 461 18.92 3.72 5.86
C LEU A 461 18.14 4.98 6.15
N LYS A 462 17.24 5.29 5.23
CA LYS A 462 16.37 6.46 5.31
C LYS A 462 15.37 6.25 6.45
N TYR A 463 15.83 5.68 7.56
CA TYR A 463 14.95 5.42 8.69
C TYR A 463 15.44 6.00 10.00
N LYS A 464 14.59 6.82 10.61
CA LYS A 464 14.89 7.48 11.87
C LYS A 464 13.55 7.55 12.60
N PRO A 465 13.50 7.14 13.87
CA PRO A 465 12.23 7.18 14.59
C PRO A 465 11.92 8.53 15.24
N ALA A 466 10.88 9.21 14.77
CA ALA A 466 10.50 10.51 15.34
C ALA A 466 10.12 10.31 16.81
N ASN A 467 10.20 9.04 17.25
CA ASN A 467 9.88 8.63 18.61
C ASN A 467 10.76 9.38 19.63
N LYS A 468 11.79 10.05 19.13
CA LYS A 468 12.76 10.82 19.92
C LYS A 468 13.99 10.00 20.34
N GLY A 469 14.94 9.85 19.42
CA GLY A 469 16.15 9.09 19.71
C GLY A 469 15.91 7.80 20.46
N GLU A 470 14.71 7.23 20.26
CA GLU A 470 14.27 6.00 20.90
C GLU A 470 14.47 4.74 20.07
N ALA A 471 13.57 4.52 19.11
CA ALA A 471 13.59 3.35 18.23
C ALA A 471 14.64 3.43 17.11
N GLY A 472 15.92 3.49 17.49
CA GLY A 472 16.99 3.59 16.52
C GLY A 472 17.45 2.29 15.89
N VAL A 473 17.67 2.34 14.59
CA VAL A 473 18.13 1.20 13.81
C VAL A 473 19.54 0.82 14.21
N PRO A 474 19.77 -0.47 14.43
CA PRO A 474 21.06 -1.03 14.83
C PRO A 474 22.17 -0.78 13.82
N ASN A 475 23.41 -1.02 14.24
CA ASN A 475 24.58 -0.85 13.37
C ASN A 475 25.00 -2.25 12.97
N GLU A 476 24.72 -3.18 13.87
CA GLU A 476 25.02 -4.57 13.64
C GLU A 476 24.29 -5.00 12.36
N ILE A 477 23.03 -4.59 12.23
CA ILE A 477 22.23 -4.91 11.06
C ILE A 477 22.70 -4.19 9.82
N LEU A 478 22.65 -2.85 9.86
CA LEU A 478 23.07 -2.06 8.71
C LEU A 478 24.31 -2.65 8.09
N ASN A 479 25.12 -3.28 8.92
CA ASN A 479 26.34 -3.91 8.45
C ASN A 479 26.00 -5.13 7.57
N TYR A 480 25.42 -6.16 8.18
CA TYR A 480 25.03 -7.38 7.49
C TYR A 480 24.68 -7.12 6.07
N LEU A 481 23.99 -6.01 5.86
CA LEU A 481 23.61 -5.63 4.51
C LEU A 481 24.84 -5.22 3.73
N ALA A 482 25.35 -4.04 4.02
CA ALA A 482 26.53 -3.57 3.32
C ALA A 482 27.38 -4.78 2.87
N ASN A 483 27.54 -5.75 3.76
CA ASN A 483 28.32 -6.94 3.44
C ASN A 483 27.63 -7.69 2.33
N VAL A 484 26.47 -8.24 2.63
CA VAL A 484 25.69 -8.99 1.65
C VAL A 484 25.71 -8.22 0.32
N ILE A 485 25.57 -6.91 0.42
CA ILE A 485 25.62 -6.01 -0.73
C ILE A 485 26.85 -6.34 -1.59
N LYS A 486 28.04 -6.11 -1.01
CA LYS A 486 29.32 -6.34 -1.67
C LYS A 486 29.46 -7.73 -2.26
N ARG A 487 29.17 -8.74 -1.45
CA ARG A 487 29.26 -10.12 -1.90
C ARG A 487 28.56 -10.32 -3.24
N GLU A 488 27.26 -10.09 -3.23
CA GLU A 488 26.46 -10.24 -4.43
C GLU A 488 27.11 -9.55 -5.64
N ASN A 489 27.37 -8.25 -5.48
CA ASN A 489 27.95 -7.37 -6.51
C ASN A 489 28.98 -7.87 -7.52
N LEU A 490 29.94 -8.62 -7.02
CA LEU A 490 31.00 -9.18 -7.85
C LEU A 490 30.54 -10.53 -8.35
N SER A 491 29.73 -11.17 -7.52
CA SER A 491 29.21 -12.49 -7.80
C SER A 491 28.35 -12.64 -9.06
N LEU A 492 28.08 -11.57 -9.80
CA LEU A 492 27.24 -11.77 -11.00
C LEU A 492 27.40 -10.79 -12.17
N PRO A 493 27.18 -9.47 -11.97
CA PRO A 493 27.37 -8.67 -13.18
C PRO A 493 28.10 -7.34 -12.93
N GLY A 494 27.89 -6.79 -11.73
CA GLY A 494 28.49 -5.52 -11.36
C GLY A 494 27.42 -4.62 -10.77
N LYS A 495 27.35 -4.59 -9.44
CA LYS A 495 26.39 -3.77 -8.70
C LYS A 495 24.92 -4.01 -9.06
N MET A 496 24.14 -4.30 -8.03
CA MET A 496 22.71 -4.52 -8.18
C MET A 496 22.19 -3.12 -8.30
N GLU A 497 20.94 -2.95 -8.74
CA GLU A 497 20.44 -1.60 -8.86
C GLU A 497 19.40 -1.24 -7.81
N ILE A 498 19.37 0.03 -7.40
CA ILE A 498 18.41 0.48 -6.39
C ILE A 498 17.14 1.09 -6.95
N MET A 499 17.30 2.16 -7.71
CA MET A 499 16.15 2.83 -8.26
C MET A 499 15.32 1.83 -9.05
N LEU A 500 14.00 1.94 -8.95
CA LEU A 500 13.16 1.01 -9.68
C LEU A 500 12.75 1.60 -11.04
N SER A 501 12.98 0.80 -12.08
CA SER A 501 12.68 1.11 -13.47
C SER A 501 11.27 0.63 -13.72
N ALA A 502 10.65 1.05 -14.80
CA ALA A 502 9.29 0.58 -15.02
C ALA A 502 9.11 -0.05 -16.36
N GLN A 503 8.88 -1.35 -16.40
CA GLN A 503 8.64 -1.99 -17.69
C GLN A 503 7.65 -3.14 -17.65
N PHE A 504 6.96 -3.33 -18.77
CA PHE A 504 5.92 -4.32 -18.90
C PHE A 504 6.17 -5.42 -19.93
N ASP A 505 5.76 -6.64 -19.57
CA ASP A 505 5.91 -7.82 -20.40
C ASP A 505 5.29 -7.64 -21.78
N SER A 506 5.33 -8.71 -22.56
CA SER A 506 4.78 -8.67 -23.90
C SER A 506 3.27 -8.84 -23.86
N ALA A 507 2.63 -8.51 -24.97
CA ALA A 507 1.19 -8.63 -25.08
C ALA A 507 0.88 -9.85 -25.94
N LYS A 508 1.86 -10.74 -26.09
CA LYS A 508 1.70 -11.93 -26.91
C LYS A 508 0.33 -12.58 -26.77
N ASN A 509 0.07 -13.23 -25.64
CA ASN A 509 -1.22 -13.90 -25.48
C ASN A 509 -2.39 -13.05 -25.03
N HIS A 510 -2.22 -11.74 -25.00
CA HIS A 510 -3.33 -10.87 -24.59
C HIS A 510 -3.93 -10.09 -25.75
N LEU A 511 -3.58 -10.46 -26.97
CA LEU A 511 -4.11 -9.78 -28.15
C LEU A 511 -5.18 -10.72 -28.66
N ARG A 512 -6.17 -10.20 -29.40
CA ARG A 512 -7.21 -11.09 -29.93
C ARG A 512 -7.96 -10.62 -31.19
N TYR A 513 -8.05 -11.55 -32.14
CA TYR A 513 -8.71 -11.44 -33.45
C TYR A 513 -10.18 -10.95 -33.45
N ASP A 514 -11.11 -11.90 -33.55
CA ASP A 514 -12.58 -11.68 -33.58
C ASP A 514 -13.17 -10.84 -34.71
N THR A 515 -13.20 -11.37 -35.94
CA THR A 515 -13.74 -10.60 -37.07
C THR A 515 -15.05 -9.95 -36.64
N SER A 516 -15.78 -10.66 -35.79
CA SER A 516 -17.08 -10.21 -35.28
C SER A 516 -17.29 -8.70 -35.06
N ALA A 517 -16.95 -8.22 -33.87
CA ALA A 517 -17.11 -6.80 -33.54
C ALA A 517 -16.42 -5.87 -34.54
N ILE A 518 -15.24 -6.25 -35.00
CA ILE A 518 -14.48 -5.44 -35.97
C ILE A 518 -15.41 -4.77 -36.97
N THR A 519 -16.10 -5.61 -37.74
CA THR A 519 -17.05 -5.19 -38.77
C THR A 519 -18.23 -4.48 -38.14
N GLN A 520 -18.66 -4.98 -36.99
CA GLN A 520 -19.78 -4.42 -36.24
C GLN A 520 -19.58 -2.93 -35.97
N ASN A 521 -18.33 -2.48 -36.09
CA ASN A 521 -17.96 -1.06 -35.90
C ASN A 521 -16.89 -0.66 -36.92
N SER A 522 -17.22 -0.86 -38.19
CA SER A 522 -16.31 -0.57 -39.28
C SER A 522 -17.06 -0.20 -40.56
N ASN A 523 -16.69 0.96 -41.13
CA ASN A 523 -17.26 1.41 -42.39
C ASN A 523 -16.10 1.79 -43.29
N THR A 524 -16.32 2.58 -44.33
CA THR A 524 -15.23 2.89 -45.23
C THR A 524 -15.10 4.23 -45.98
N GLU A 525 -14.01 4.27 -46.74
CA GLU A 525 -13.61 5.43 -47.51
C GLU A 525 -13.68 5.33 -49.04
N GLY A 526 -12.54 5.45 -49.71
CA GLY A 526 -12.52 5.42 -51.16
C GLY A 526 -11.96 4.17 -51.80
N LEU A 527 -10.76 4.30 -52.38
CA LEU A 527 -10.08 3.21 -53.06
C LEU A 527 -10.27 1.81 -52.44
N ALA A 528 -10.15 1.70 -51.12
CA ALA A 528 -10.31 0.42 -50.42
C ALA A 528 -11.69 -0.12 -50.72
N THR A 529 -12.70 0.64 -50.30
CA THR A 529 -14.10 0.28 -50.53
C THR A 529 -14.30 -0.50 -51.82
N VAL A 530 -13.76 0.00 -52.93
CA VAL A 530 -13.89 -0.68 -54.21
C VAL A 530 -12.97 -1.91 -54.27
N SER A 531 -11.94 -1.90 -53.44
CA SER A 531 -11.01 -3.02 -53.40
C SER A 531 -11.66 -4.19 -52.67
N LYS A 532 -12.67 -3.87 -51.87
CA LYS A 532 -13.37 -4.90 -51.13
C LYS A 532 -14.43 -5.47 -52.06
N ILE A 533 -15.08 -4.63 -52.85
CA ILE A 533 -16.10 -5.13 -53.77
C ILE A 533 -15.49 -6.25 -54.61
N ILE A 534 -14.54 -5.87 -55.46
CA ILE A 534 -13.87 -6.80 -56.36
C ILE A 534 -13.17 -7.99 -55.72
N LYS A 535 -13.14 -8.05 -54.38
CA LYS A 535 -12.45 -9.15 -53.70
C LYS A 535 -13.00 -10.51 -54.05
N LEU A 536 -14.09 -10.87 -53.38
CA LEU A 536 -14.73 -12.14 -53.60
C LEU A 536 -15.82 -12.02 -54.68
N GLU B 2 -38.96 55.32 104.23
CA GLU B 2 -39.80 54.23 104.81
C GLU B 2 -40.54 53.40 103.74
N HIS B 3 -41.67 53.91 103.26
CA HIS B 3 -42.47 53.23 102.22
C HIS B 3 -41.85 53.49 100.84
N MET B 4 -40.93 54.46 100.79
CA MET B 4 -40.24 54.84 99.56
C MET B 4 -38.97 54.02 99.41
N GLU B 5 -38.29 53.76 100.52
CA GLU B 5 -37.07 52.96 100.49
C GLU B 5 -37.51 51.52 100.23
N SER B 6 -38.80 51.27 100.42
CA SER B 6 -39.40 49.95 100.23
C SER B 6 -39.58 49.57 98.75
N LYS B 7 -39.97 50.54 97.94
CA LYS B 7 -40.16 50.32 96.52
C LYS B 7 -38.86 50.76 95.84
N LEU B 8 -37.83 50.96 96.66
CA LEU B 8 -36.52 51.36 96.17
C LEU B 8 -35.56 50.18 96.36
N LEU B 9 -35.74 49.42 97.45
CA LEU B 9 -34.90 48.25 97.73
C LEU B 9 -35.30 47.12 96.76
N GLU B 10 -36.60 46.86 96.66
CA GLU B 10 -37.15 45.84 95.77
C GLU B 10 -36.84 46.19 94.31
N ASN B 11 -36.55 47.46 94.07
CA ASN B 11 -36.25 47.97 92.74
C ASN B 11 -34.75 47.84 92.43
N LEU B 12 -33.95 47.70 93.48
CA LEU B 12 -32.51 47.54 93.31
C LEU B 12 -32.20 46.05 93.31
N ASN B 13 -32.88 45.31 94.18
CA ASN B 13 -32.68 43.87 94.25
C ASN B 13 -33.19 43.21 92.96
N LEU B 14 -33.95 43.96 92.17
CA LEU B 14 -34.49 43.47 90.91
C LEU B 14 -33.43 43.66 89.83
N LEU B 15 -32.44 44.50 90.13
CA LEU B 15 -31.35 44.73 89.19
C LEU B 15 -30.25 43.73 89.51
N LYS B 16 -29.99 43.50 90.80
CA LYS B 16 -28.98 42.53 91.20
C LYS B 16 -29.32 41.17 90.58
N ASN B 17 -30.61 40.83 90.52
CA ASN B 17 -31.04 39.56 89.95
C ASN B 17 -30.77 39.56 88.45
N GLU B 18 -30.94 40.71 87.82
CA GLU B 18 -30.71 40.83 86.38
C GLU B 18 -29.25 41.13 86.04
N ASN B 19 -28.40 41.31 87.04
CA ASN B 19 -26.99 41.53 86.78
C ASN B 19 -26.36 40.14 86.78
N GLU B 20 -26.78 39.31 87.74
CA GLU B 20 -26.29 37.96 87.89
C GLU B 20 -26.85 37.03 86.80
N ASN B 21 -27.93 37.48 86.18
CA ASN B 21 -28.56 36.73 85.10
C ASN B 21 -27.75 37.05 83.84
N LEU B 22 -27.39 38.32 83.70
CA LEU B 22 -26.61 38.78 82.56
C LEU B 22 -25.25 38.12 82.63
N ASN B 23 -24.65 38.15 83.81
CA ASN B 23 -23.33 37.56 84.03
C ASN B 23 -23.31 36.06 83.72
N SER B 24 -24.41 35.38 84.04
CA SER B 24 -24.56 33.95 83.81
C SER B 24 -24.47 33.65 82.31
N ILE B 25 -25.15 34.50 81.53
CA ILE B 25 -25.22 34.36 80.07
C ILE B 25 -24.06 34.89 79.24
N PHE B 26 -23.24 35.77 79.82
CA PHE B 26 -22.10 36.31 79.10
C PHE B 26 -20.92 35.37 79.31
N GLU B 27 -21.09 34.39 80.20
CA GLU B 27 -20.03 33.41 80.45
C GLU B 27 -20.23 32.29 79.44
N ARG B 28 -21.49 31.94 79.15
CA ARG B 28 -21.78 30.89 78.18
C ARG B 28 -21.36 31.40 76.81
N LYS B 29 -21.89 32.57 76.43
CA LYS B 29 -21.58 33.18 75.14
C LYS B 29 -20.08 33.43 75.02
N ASN B 30 -19.33 32.87 75.95
CA ASN B 30 -17.89 32.98 75.96
C ASN B 30 -17.45 31.55 75.71
N LYS B 31 -18.13 30.60 76.36
CA LYS B 31 -17.83 29.16 76.20
C LYS B 31 -18.00 28.76 74.74
N LYS B 32 -18.91 29.44 74.05
CA LYS B 32 -19.16 29.16 72.66
C LYS B 32 -17.98 29.68 71.84
N LEU B 33 -17.74 30.99 71.87
CA LEU B 33 -16.64 31.57 71.08
C LEU B 33 -15.24 31.02 71.34
N LYS B 34 -14.96 30.58 72.57
CA LYS B 34 -13.65 30.01 72.88
C LYS B 34 -13.63 28.51 72.54
N GLU B 35 -14.74 28.01 72.00
CA GLU B 35 -14.89 26.62 71.61
C GLU B 35 -15.06 26.46 70.10
N LEU B 36 -15.62 27.46 69.44
CA LEU B 36 -15.79 27.39 67.99
C LEU B 36 -14.40 27.66 67.44
N GLU B 37 -13.59 28.37 68.21
CA GLU B 37 -12.23 28.69 67.80
C GLU B 37 -11.33 27.46 67.77
N LYS B 38 -11.55 26.54 68.72
CA LYS B 38 -10.79 25.30 68.80
C LYS B 38 -11.14 24.37 67.63
N ASP B 39 -12.41 24.40 67.24
CA ASP B 39 -12.89 23.58 66.13
C ASP B 39 -12.74 24.31 64.79
N TYR B 40 -12.36 25.58 64.85
CA TYR B 40 -12.16 26.36 63.64
C TYR B 40 -10.66 26.41 63.34
N SER B 41 -9.85 25.96 64.29
CA SER B 41 -8.41 25.94 64.09
C SER B 41 -8.04 24.51 63.68
N GLU B 42 -8.90 23.57 64.07
CA GLU B 42 -8.74 22.15 63.77
C GLU B 42 -9.25 21.84 62.38
N LEU B 43 -10.25 22.62 61.95
CA LEU B 43 -10.84 22.48 60.63
C LEU B 43 -10.15 23.46 59.68
N SER B 44 -9.16 24.17 60.23
CA SER B 44 -8.36 25.11 59.48
C SER B 44 -7.11 24.31 59.17
N ASN B 45 -6.82 23.35 60.05
CA ASN B 45 -5.68 22.45 59.90
C ASN B 45 -6.14 21.29 59.00
N ARG B 46 -7.25 20.67 59.37
CA ARG B 46 -7.82 19.55 58.61
C ARG B 46 -7.95 19.91 57.13
N TYR B 47 -8.07 21.20 56.83
CA TYR B 47 -8.22 21.68 55.46
C TYR B 47 -6.93 21.73 54.66
N ASN B 48 -5.78 21.73 55.33
CA ASN B 48 -4.51 21.76 54.61
C ASN B 48 -3.94 20.35 54.49
N GLU B 49 -4.44 19.45 55.33
CA GLU B 49 -4.05 18.05 55.31
C GLU B 49 -4.80 17.36 54.17
N GLN B 50 -5.95 17.92 53.80
CA GLN B 50 -6.76 17.39 52.72
C GLN B 50 -6.44 18.12 51.41
N LYS B 51 -5.59 19.15 51.52
CA LYS B 51 -5.18 19.90 50.34
C LYS B 51 -3.76 19.51 49.97
N GLU B 52 -3.06 18.87 50.91
CA GLU B 52 -1.72 18.39 50.66
C GLU B 52 -1.86 16.93 50.23
N LYS B 53 -2.85 16.25 50.81
CA LYS B 53 -3.14 14.86 50.47
C LYS B 53 -3.72 14.84 49.06
N MET B 54 -4.37 15.93 48.68
CA MET B 54 -4.98 16.07 47.36
C MET B 54 -3.97 16.43 46.29
N ASP B 55 -2.82 16.94 46.72
CA ASP B 55 -1.75 17.30 45.81
C ASP B 55 -0.97 16.03 45.42
N GLN B 56 -1.14 14.98 46.21
CA GLN B 56 -0.49 13.69 45.95
C GLN B 56 -1.33 12.94 44.95
N LEU B 57 -2.63 13.14 45.02
CA LEU B 57 -3.55 12.50 44.09
C LEU B 57 -3.34 13.20 42.75
N SER B 58 -2.88 14.44 42.81
CA SER B 58 -2.60 15.21 41.61
C SER B 58 -1.33 14.66 40.94
N LYS B 59 -0.29 14.40 41.73
CA LYS B 59 0.96 13.86 41.19
C LYS B 59 0.78 12.42 40.72
N LEU B 60 0.12 11.61 41.54
CA LEU B 60 -0.14 10.21 41.23
C LEU B 60 -1.10 10.08 40.04
N ALA B 61 -1.83 11.15 39.75
CA ALA B 61 -2.77 11.14 38.63
C ALA B 61 -2.00 11.30 37.34
N LYS B 62 -1.11 12.29 37.30
CA LYS B 62 -0.32 12.52 36.09
C LYS B 62 0.68 11.39 35.92
N ASN B 63 1.28 10.96 37.03
CA ASN B 63 2.25 9.87 36.97
C ASN B 63 1.63 8.60 36.38
N SER B 64 0.38 8.31 36.74
CA SER B 64 -0.26 7.11 36.21
C SER B 64 -0.86 7.36 34.84
N SER B 65 -1.12 8.62 34.50
CA SER B 65 -1.68 8.94 33.19
C SER B 65 -0.55 8.80 32.16
N ALA B 66 0.69 9.05 32.58
CA ALA B 66 1.84 8.93 31.68
C ALA B 66 2.10 7.47 31.37
N ILE B 67 1.85 6.59 32.34
CA ILE B 67 2.05 5.16 32.12
C ILE B 67 1.02 4.67 31.13
N GLU B 68 -0.25 4.88 31.46
CA GLU B 68 -1.37 4.49 30.61
C GLU B 68 -1.06 4.94 29.20
N GLN B 69 -1.03 6.26 29.00
CA GLN B 69 -0.72 6.82 27.70
C GLN B 69 0.54 6.18 27.14
N SER B 70 1.58 6.07 27.96
CA SER B 70 2.81 5.43 27.52
C SER B 70 2.47 4.08 26.92
N CYS B 71 2.22 3.13 27.81
CA CYS B 71 1.87 1.78 27.40
C CYS B 71 1.06 1.76 26.12
N SER B 72 0.00 2.55 26.04
CA SER B 72 -0.82 2.56 24.84
C SER B 72 0.03 2.53 23.58
N GLU B 73 0.93 3.50 23.39
CA GLU B 73 1.76 3.48 22.18
C GLU B 73 2.44 2.13 21.96
N LYS B 74 3.08 1.62 23.01
CA LYS B 74 3.76 0.34 22.90
C LYS B 74 2.83 -0.71 22.36
N LEU B 75 1.57 -0.65 22.76
CA LEU B 75 0.63 -1.63 22.25
C LEU B 75 0.54 -1.51 20.73
N GLN B 76 0.26 -0.32 20.22
CA GLN B 76 0.16 -0.14 18.78
C GLN B 76 1.45 -0.60 18.11
N ASN B 77 2.56 0.04 18.49
CA ASN B 77 3.87 -0.31 17.95
C ASN B 77 3.94 -1.83 17.85
N MET B 78 3.57 -2.51 18.93
CA MET B 78 3.61 -3.96 18.97
C MET B 78 2.62 -4.56 17.99
N GLU B 79 1.36 -4.14 18.05
CA GLU B 79 0.34 -4.66 17.13
C GLU B 79 0.78 -4.58 15.66
N VAL B 80 1.20 -3.39 15.25
CA VAL B 80 1.64 -3.17 13.87
C VAL B 80 2.80 -4.12 13.55
N ASN B 81 3.68 -4.27 14.52
CA ASN B 81 4.85 -5.15 14.43
C ASN B 81 4.42 -6.60 14.22
N TYR B 82 3.61 -7.14 15.12
CA TYR B 82 3.15 -8.52 14.99
C TYR B 82 2.47 -8.61 13.64
N ASN B 83 1.47 -7.77 13.43
CA ASN B 83 0.77 -7.78 12.16
C ASN B 83 1.70 -7.87 10.98
N SER B 84 2.41 -6.78 10.68
CA SER B 84 3.34 -6.76 9.56
C SER B 84 4.08 -8.09 9.40
N LEU B 85 4.72 -8.51 10.49
CA LEU B 85 5.46 -9.76 10.52
C LEU B 85 4.64 -10.86 9.91
N LEU B 86 3.56 -11.19 10.60
CA LEU B 86 2.67 -12.21 10.15
C LEU B 86 2.15 -12.01 8.72
N GLU B 87 1.50 -10.88 8.44
CA GLU B 87 0.95 -10.63 7.11
C GLU B 87 1.97 -10.99 6.01
N SER B 88 3.26 -10.87 6.36
CA SER B 88 4.34 -11.18 5.41
C SER B 88 4.55 -12.67 5.34
N GLN B 89 4.81 -13.30 6.49
CA GLN B 89 5.02 -14.75 6.53
C GLN B 89 4.02 -15.46 5.62
N ASN B 90 2.90 -14.80 5.34
CA ASN B 90 1.91 -15.38 4.47
C ASN B 90 2.37 -15.17 3.06
N LEU B 91 2.58 -13.93 2.66
CA LEU B 91 3.06 -13.72 1.30
C LEU B 91 4.24 -14.68 1.05
N TYR B 92 5.20 -14.70 1.98
CA TYR B 92 6.39 -15.56 1.93
C TYR B 92 6.05 -16.95 1.46
N ARG B 93 5.22 -17.62 2.25
CA ARG B 93 4.79 -18.96 1.94
C ARG B 93 3.94 -18.93 0.68
N ASP B 94 2.84 -18.18 0.74
CA ASP B 94 1.95 -18.07 -0.40
C ASP B 94 2.82 -17.98 -1.65
N HIS B 95 3.80 -17.09 -1.64
CA HIS B 95 4.65 -16.96 -2.79
C HIS B 95 5.58 -18.13 -3.09
N TYR B 96 6.30 -18.64 -2.09
CA TYR B 96 7.21 -19.75 -2.36
C TYR B 96 6.58 -21.08 -2.65
N SER B 97 5.65 -21.51 -1.80
CA SER B 97 5.01 -22.77 -2.05
C SER B 97 4.54 -22.76 -3.51
N ASP B 98 4.01 -21.63 -3.97
CA ASP B 98 3.53 -21.51 -5.33
C ASP B 98 4.66 -21.49 -6.35
N GLU B 99 5.80 -20.90 -5.98
CA GLU B 99 6.96 -20.82 -6.88
C GLU B 99 7.56 -22.21 -6.99
N ILE B 100 7.49 -22.95 -5.89
CA ILE B 100 8.02 -24.29 -5.89
C ILE B 100 7.18 -25.14 -6.84
N SER B 101 5.87 -25.20 -6.59
CA SER B 101 4.96 -26.00 -7.41
C SER B 101 5.10 -25.65 -8.89
N LYS B 102 5.22 -24.36 -9.18
CA LYS B 102 5.41 -23.91 -10.56
C LYS B 102 6.62 -24.67 -11.09
N LEU B 103 7.69 -24.60 -10.31
CA LEU B 103 8.93 -25.25 -10.67
C LEU B 103 8.78 -26.73 -10.90
N ASN B 104 8.47 -27.46 -9.84
CA ASN B 104 8.30 -28.89 -9.92
C ASN B 104 7.54 -29.22 -11.21
N GLU B 105 6.56 -28.38 -11.52
CA GLU B 105 5.73 -28.53 -12.72
C GLU B 105 6.62 -28.61 -13.97
N LYS B 106 7.47 -27.60 -14.17
CA LYS B 106 8.35 -27.57 -15.33
C LYS B 106 9.22 -28.79 -15.42
N ILE B 107 9.80 -29.21 -14.31
CA ILE B 107 10.64 -30.40 -14.34
C ILE B 107 9.84 -31.59 -14.85
N GLY B 108 8.64 -31.78 -14.28
CA GLY B 108 7.81 -32.87 -14.73
C GLY B 108 7.59 -32.80 -16.23
N LEU B 109 7.27 -31.59 -16.71
CA LEU B 109 7.03 -31.35 -18.13
C LEU B 109 8.27 -31.61 -18.95
N LEU B 110 9.38 -31.01 -18.56
CA LEU B 110 10.61 -31.25 -19.30
C LEU B 110 10.83 -32.75 -19.42
N GLU B 111 10.90 -33.43 -18.28
CA GLU B 111 11.10 -34.88 -18.26
C GLU B 111 10.14 -35.64 -19.18
N LEU B 112 8.90 -35.19 -19.30
CA LEU B 112 7.95 -35.89 -20.15
C LEU B 112 8.31 -35.77 -21.62
N GLU B 113 8.68 -34.58 -22.07
CA GLU B 113 9.03 -34.42 -23.47
C GLU B 113 10.44 -34.92 -23.78
N LEU B 114 11.04 -35.64 -22.83
CA LEU B 114 12.37 -36.20 -23.01
C LEU B 114 12.32 -37.72 -22.86
N SER B 115 11.28 -38.19 -22.19
CA SER B 115 11.10 -39.62 -21.98
C SER B 115 10.21 -40.06 -23.15
N ASN B 116 9.75 -39.04 -23.88
CA ASN B 116 8.89 -39.23 -25.03
C ASN B 116 9.78 -39.25 -26.27
N GLN B 117 10.88 -38.51 -26.21
CA GLN B 117 11.82 -38.46 -27.32
C GLN B 117 12.82 -39.59 -27.16
N ASN B 118 12.56 -40.46 -26.20
CA ASN B 118 13.43 -41.61 -25.94
C ASN B 118 12.70 -42.87 -26.37
N LEU B 119 11.37 -42.81 -26.35
CA LEU B 119 10.52 -43.94 -26.73
C LEU B 119 10.04 -43.78 -28.18
N ASN B 120 10.67 -42.85 -28.90
CA ASN B 120 10.38 -42.59 -30.32
C ASN B 120 11.38 -41.63 -30.95
N MET C 4 -30.88 57.77 104.04
CA MET C 4 -30.68 56.40 103.50
C MET C 4 -31.28 56.22 102.11
N GLU C 5 -32.00 57.24 101.64
CA GLU C 5 -32.61 57.14 100.33
C GLU C 5 -31.78 57.74 99.23
N SER C 6 -30.57 58.21 99.56
CA SER C 6 -29.69 58.79 98.55
C SER C 6 -28.51 57.86 98.25
N LYS C 7 -28.21 56.97 99.21
CA LYS C 7 -27.12 56.02 99.05
C LYS C 7 -27.66 54.73 98.44
N LEU C 8 -28.80 54.27 98.94
CA LEU C 8 -29.42 53.06 98.40
C LEU C 8 -30.00 53.45 97.04
N LEU C 9 -29.75 54.70 96.65
CA LEU C 9 -30.19 55.19 95.35
C LEU C 9 -28.94 55.20 94.48
N GLU C 10 -27.79 55.41 95.14
CA GLU C 10 -26.53 55.42 94.44
C GLU C 10 -26.31 53.99 93.99
N ASN C 11 -26.35 53.07 94.94
CA ASN C 11 -26.18 51.65 94.63
C ASN C 11 -27.13 51.25 93.53
N LEU C 12 -28.19 52.02 93.36
CA LEU C 12 -29.15 51.74 92.30
C LEU C 12 -28.61 52.37 91.01
N ASN C 13 -28.00 53.55 91.12
CA ASN C 13 -27.45 54.21 89.95
C ASN C 13 -26.18 53.50 89.44
N LEU C 14 -25.46 52.87 90.36
CA LEU C 14 -24.23 52.14 90.05
C LEU C 14 -24.56 50.89 89.25
N LEU C 15 -25.44 50.06 89.80
CA LEU C 15 -25.85 48.82 89.15
C LEU C 15 -26.44 49.03 87.78
N LYS C 16 -27.30 50.03 87.64
CA LYS C 16 -27.90 50.26 86.34
C LYS C 16 -26.83 50.63 85.34
N ASN C 17 -25.94 51.53 85.76
CA ASN C 17 -24.85 51.93 84.88
C ASN C 17 -23.98 50.73 84.53
N GLU C 18 -23.59 49.95 85.55
CA GLU C 18 -22.77 48.77 85.33
C GLU C 18 -23.51 47.74 84.49
N ASN C 19 -24.79 47.52 84.77
CA ASN C 19 -25.55 46.59 83.98
C ASN C 19 -25.57 47.05 82.52
N GLU C 20 -25.50 48.37 82.32
CA GLU C 20 -25.47 48.95 80.98
C GLU C 20 -24.20 48.54 80.24
N ASN C 21 -23.07 48.65 80.92
CA ASN C 21 -21.79 48.27 80.34
C ASN C 21 -21.83 46.76 80.14
N LEU C 22 -22.04 46.04 81.24
CA LEU C 22 -22.08 44.58 81.24
C LEU C 22 -23.00 43.98 80.21
N ASN C 23 -24.03 44.70 79.80
CA ASN C 23 -24.93 44.13 78.80
C ASN C 23 -24.45 44.46 77.39
N SER C 24 -23.64 45.50 77.26
CA SER C 24 -23.14 45.89 75.95
C SER C 24 -21.96 45.02 75.47
N ILE C 25 -21.08 44.60 76.37
CA ILE C 25 -19.95 43.75 75.99
C ILE C 25 -20.47 42.34 75.81
N PHE C 26 -21.76 42.16 76.09
CA PHE C 26 -22.41 40.88 75.89
C PHE C 26 -22.94 40.96 74.48
N GLU C 27 -23.28 42.18 74.09
CA GLU C 27 -23.76 42.46 72.74
C GLU C 27 -22.58 42.25 71.80
N ARG C 28 -21.48 42.92 72.12
CA ARG C 28 -20.24 42.85 71.37
C ARG C 28 -19.75 41.40 71.23
N LYS C 29 -20.01 40.57 72.24
CA LYS C 29 -19.56 39.18 72.17
C LYS C 29 -20.39 38.39 71.17
N ASN C 30 -21.67 38.15 71.49
CA ASN C 30 -22.51 37.36 70.59
C ASN C 30 -22.47 37.83 69.13
N LYS C 31 -22.04 39.06 68.90
CA LYS C 31 -21.93 39.58 67.54
C LYS C 31 -20.65 39.04 66.88
N LYS C 32 -19.67 38.63 67.71
CA LYS C 32 -18.42 38.09 67.21
C LYS C 32 -18.48 36.57 67.13
N LEU C 33 -19.42 35.99 67.87
CA LEU C 33 -19.60 34.55 67.82
C LEU C 33 -20.40 34.26 66.56
N LYS C 34 -21.19 35.24 66.11
CA LYS C 34 -21.96 35.06 64.89
C LYS C 34 -20.99 34.97 63.71
N GLU C 35 -20.09 35.95 63.59
CA GLU C 35 -19.12 35.94 62.49
C GLU C 35 -18.27 34.67 62.47
N LEU C 36 -17.93 34.12 63.62
CA LEU C 36 -17.14 32.88 63.65
C LEU C 36 -18.02 31.77 63.12
N GLU C 37 -19.21 31.59 63.69
CA GLU C 37 -20.11 30.54 63.22
C GLU C 37 -20.19 30.60 61.69
N LYS C 38 -19.88 31.77 61.12
CA LYS C 38 -19.90 31.97 59.67
C LYS C 38 -18.64 31.41 58.99
N ASP C 39 -17.47 31.64 59.58
CA ASP C 39 -16.21 31.14 59.04
C ASP C 39 -16.03 29.65 59.27
N TYR C 40 -16.74 29.09 60.26
CA TYR C 40 -16.65 27.67 60.52
C TYR C 40 -17.66 26.99 59.62
N SER C 41 -18.59 27.76 59.08
CA SER C 41 -19.59 27.22 58.17
C SER C 41 -19.10 27.37 56.72
N GLU C 42 -18.15 28.28 56.51
CA GLU C 42 -17.60 28.50 55.17
C GLU C 42 -16.41 27.56 54.94
N LEU C 43 -15.58 27.41 55.97
CA LEU C 43 -14.43 26.53 55.90
C LEU C 43 -14.81 25.15 56.42
N SER C 44 -16.08 24.80 56.23
CA SER C 44 -16.62 23.49 56.60
C SER C 44 -17.28 23.02 55.32
N ASN C 45 -17.36 23.96 54.38
CA ASN C 45 -17.90 23.70 53.07
C ASN C 45 -16.68 23.36 52.24
N ARG C 46 -15.63 24.17 52.36
CA ARG C 46 -14.39 23.91 51.62
C ARG C 46 -13.80 22.54 51.97
N TYR C 47 -14.33 21.91 53.02
CA TYR C 47 -13.84 20.60 53.44
C TYR C 47 -14.67 19.52 52.76
N ASN C 48 -15.76 19.94 52.12
CA ASN C 48 -16.63 19.00 51.41
C ASN C 48 -16.44 19.21 49.90
N GLU C 49 -15.78 20.32 49.54
CA GLU C 49 -15.48 20.66 48.15
C GLU C 49 -14.25 19.87 47.75
N GLN C 50 -13.29 19.80 48.67
CA GLN C 50 -12.06 19.06 48.46
C GLN C 50 -12.34 17.57 48.62
N LYS C 51 -13.27 17.21 49.52
CA LYS C 51 -13.62 15.80 49.72
C LYS C 51 -14.42 15.25 48.56
N GLU C 52 -14.68 16.09 47.56
CA GLU C 52 -15.42 15.65 46.38
C GLU C 52 -14.48 15.59 45.18
N LYS C 53 -13.60 16.57 45.06
CA LYS C 53 -12.64 16.55 43.96
C LYS C 53 -11.74 15.33 44.20
N MET C 54 -11.57 14.99 45.49
CA MET C 54 -10.75 13.85 45.92
C MET C 54 -11.35 12.51 45.50
N ASP C 55 -12.65 12.33 45.75
CA ASP C 55 -13.32 11.09 45.40
C ASP C 55 -13.41 10.87 43.89
N GLN C 56 -13.20 11.93 43.13
CA GLN C 56 -13.23 11.84 41.67
C GLN C 56 -11.81 11.57 41.16
N LEU C 57 -10.80 12.03 41.89
CA LEU C 57 -9.43 11.74 41.50
C LEU C 57 -9.19 10.33 42.06
N SER C 58 -10.21 9.81 42.74
CA SER C 58 -10.20 8.46 43.31
C SER C 58 -10.72 7.53 42.21
N LYS C 59 -11.59 8.07 41.36
CA LYS C 59 -12.17 7.30 40.26
C LYS C 59 -11.39 7.57 38.98
N LEU C 60 -10.52 8.59 39.01
CA LEU C 60 -9.69 8.93 37.87
C LEU C 60 -8.42 8.08 38.00
N ALA C 61 -8.17 7.58 39.20
CA ALA C 61 -7.01 6.75 39.47
C ALA C 61 -7.34 5.27 39.36
N LYS C 62 -8.59 4.91 39.64
CA LYS C 62 -9.03 3.51 39.55
C LYS C 62 -9.15 3.12 38.07
N ASN C 63 -9.37 4.12 37.22
CA ASN C 63 -9.49 3.93 35.78
C ASN C 63 -8.09 3.83 35.19
N SER C 64 -7.23 4.79 35.53
CA SER C 64 -5.86 4.78 35.04
C SER C 64 -5.02 3.75 35.79
N SER C 65 -5.68 2.83 36.48
CA SER C 65 -4.97 1.78 37.20
C SER C 65 -5.52 0.45 36.71
N ALA C 66 -6.74 0.49 36.20
CA ALA C 66 -7.40 -0.70 35.64
C ALA C 66 -6.99 -0.74 34.19
N ILE C 67 -5.99 0.09 33.87
CA ILE C 67 -5.44 0.19 32.55
C ILE C 67 -4.02 -0.40 32.53
N GLU C 68 -3.12 0.06 33.40
CA GLU C 68 -1.78 -0.50 33.48
C GLU C 68 -1.93 -2.00 33.59
N GLN C 69 -3.12 -2.42 33.98
CA GLN C 69 -3.45 -3.83 34.11
C GLN C 69 -3.83 -4.37 32.74
N SER C 70 -4.91 -3.85 32.18
CA SER C 70 -5.33 -4.29 30.84
C SER C 70 -4.16 -4.13 29.87
N CYS C 71 -3.75 -2.88 29.68
CA CYS C 71 -2.66 -2.55 28.77
C CYS C 71 -1.43 -3.42 28.97
N SER C 72 -0.64 -3.12 30.00
CA SER C 72 0.59 -3.87 30.27
C SER C 72 0.42 -5.39 30.22
N GLU C 73 -0.80 -5.85 29.98
CA GLU C 73 -1.06 -7.27 29.87
C GLU C 73 -1.20 -7.67 28.40
N LYS C 74 -2.05 -6.98 27.64
CA LYS C 74 -2.21 -7.29 26.23
C LYS C 74 -0.85 -7.16 25.54
N LEU C 75 0.03 -6.35 26.11
CA LEU C 75 1.38 -6.14 25.58
C LEU C 75 2.27 -7.30 26.01
N GLN C 76 2.01 -7.83 27.20
CA GLN C 76 2.79 -8.96 27.66
C GLN C 76 2.35 -10.15 26.82
N ASN C 77 1.04 -10.31 26.64
CA ASN C 77 0.51 -11.39 25.84
C ASN C 77 1.22 -11.37 24.49
N MET C 78 1.09 -10.25 23.78
CA MET C 78 1.72 -10.06 22.47
C MET C 78 3.08 -10.70 22.40
N GLU C 79 4.03 -10.19 23.17
CA GLU C 79 5.37 -10.73 23.21
C GLU C 79 5.27 -12.21 22.81
N VAL C 80 4.62 -12.99 23.66
CA VAL C 80 4.44 -14.43 23.44
C VAL C 80 4.15 -14.74 21.97
N ASN C 81 2.98 -14.29 21.55
CA ASN C 81 2.49 -14.47 20.19
C ASN C 81 3.44 -13.96 19.11
N TYR C 82 4.27 -12.99 19.43
CA TYR C 82 5.20 -12.50 18.44
C TYR C 82 6.38 -13.44 18.37
N ASN C 83 6.63 -14.14 19.47
CA ASN C 83 7.74 -15.08 19.48
C ASN C 83 7.29 -16.43 18.97
N SER C 84 5.98 -16.69 19.05
CA SER C 84 5.41 -17.94 18.57
C SER C 84 5.46 -17.95 17.04
N LEU C 85 5.53 -16.76 16.44
CA LEU C 85 5.61 -16.61 14.99
C LEU C 85 7.05 -16.78 14.54
N LEU C 86 7.96 -16.10 15.22
CA LEU C 86 9.37 -16.21 14.88
C LEU C 86 9.81 -17.66 14.95
N GLU C 87 9.78 -18.27 16.13
CA GLU C 87 10.19 -19.67 16.24
C GLU C 87 9.52 -20.47 15.13
N SER C 88 8.22 -20.27 14.95
CA SER C 88 7.49 -20.99 13.93
C SER C 88 7.97 -20.75 12.49
N GLN C 89 9.02 -19.97 12.33
CA GLN C 89 9.54 -19.68 10.98
C GLN C 89 10.67 -20.64 10.71
N ASN C 90 11.45 -20.89 11.75
CA ASN C 90 12.54 -21.81 11.64
C ASN C 90 11.89 -22.96 10.88
N LEU C 91 10.75 -23.40 11.42
CA LEU C 91 10.04 -24.52 10.83
C LEU C 91 9.64 -24.39 9.37
N TYR C 92 9.48 -23.16 8.87
CA TYR C 92 9.08 -22.96 7.47
C TYR C 92 10.29 -22.92 6.56
N ARG C 93 11.34 -22.23 6.98
CA ARG C 93 12.55 -22.15 6.16
C ARG C 93 12.95 -23.59 5.83
N ASP C 94 12.75 -24.51 6.76
CA ASP C 94 13.10 -25.89 6.50
C ASP C 94 12.19 -26.48 5.44
N HIS C 95 10.89 -26.50 5.72
CA HIS C 95 9.93 -27.04 4.78
C HIS C 95 10.39 -26.77 3.36
N TYR C 96 10.88 -25.55 3.11
CA TYR C 96 11.33 -25.16 1.78
C TYR C 96 12.72 -25.66 1.44
N SER C 97 13.68 -25.47 2.36
CA SER C 97 15.05 -25.93 2.13
C SER C 97 15.04 -27.38 1.64
N ASP C 98 14.23 -28.19 2.33
CA ASP C 98 14.05 -29.61 2.04
C ASP C 98 13.18 -29.74 0.83
N GLU C 99 12.16 -28.91 0.72
CA GLU C 99 11.33 -29.01 -0.46
C GLU C 99 12.22 -28.67 -1.65
N ILE C 100 13.17 -27.76 -1.44
CA ILE C 100 14.08 -27.37 -2.52
C ILE C 100 14.97 -28.53 -2.93
N SER C 101 15.59 -29.17 -1.96
CA SER C 101 16.46 -30.32 -2.20
C SER C 101 15.73 -31.44 -2.96
N LYS C 102 14.43 -31.61 -2.66
CA LYS C 102 13.61 -32.63 -3.32
C LYS C 102 13.48 -32.32 -4.80
N LEU C 103 13.34 -31.03 -5.10
CA LEU C 103 13.19 -30.55 -6.47
C LEU C 103 14.49 -30.69 -7.23
N ASN C 104 15.59 -30.69 -6.49
CA ASN C 104 16.89 -30.84 -7.10
C ASN C 104 17.12 -32.30 -7.48
N GLU C 105 16.83 -33.24 -6.60
CA GLU C 105 17.02 -34.63 -6.97
C GLU C 105 16.29 -34.88 -8.28
N LYS C 106 15.06 -34.36 -8.40
CA LYS C 106 14.28 -34.52 -9.62
C LYS C 106 15.08 -33.98 -10.81
N ILE C 107 15.97 -33.05 -10.54
CA ILE C 107 16.83 -32.48 -11.59
C ILE C 107 18.15 -33.26 -11.70
N GLY C 108 18.65 -33.72 -10.57
CA GLY C 108 19.88 -34.48 -10.57
C GLY C 108 19.63 -35.71 -11.41
N LEU C 109 18.73 -36.57 -10.95
CA LEU C 109 18.40 -37.79 -11.67
C LEU C 109 18.08 -37.50 -13.14
N LEU C 110 17.42 -36.39 -13.42
CA LEU C 110 17.08 -36.03 -14.80
C LEU C 110 18.35 -35.72 -15.62
N GLU C 111 19.26 -34.93 -15.06
CA GLU C 111 20.51 -34.60 -15.73
C GLU C 111 21.38 -35.85 -15.93
N LEU C 112 21.04 -36.94 -15.26
CA LEU C 112 21.81 -38.17 -15.41
C LEU C 112 21.25 -38.89 -16.63
N GLU C 113 19.94 -38.81 -16.81
CA GLU C 113 19.25 -39.45 -17.94
C GLU C 113 19.72 -38.89 -19.27
N LEU C 114 20.31 -37.69 -19.23
CA LEU C 114 20.80 -37.02 -20.43
C LEU C 114 22.25 -37.36 -20.76
N SER C 115 23.07 -37.59 -19.76
CA SER C 115 24.48 -37.91 -20.00
C SER C 115 24.71 -39.38 -20.26
N ASN C 116 23.62 -40.11 -20.52
CA ASN C 116 23.67 -41.53 -20.82
C ASN C 116 22.57 -41.86 -21.85
#